data_3SAN
#
_entry.id   3SAN
#
_cell.length_a   112.110
_cell.length_b   112.110
_cell.length_c   66.767
_cell.angle_alpha   90.00
_cell.angle_beta   90.00
_cell.angle_gamma   90.00
#
_symmetry.space_group_name_H-M   'P 4'
#
loop_
_entity.id
_entity.type
_entity.pdbx_description
1 polymer Neuraminidase
2 branched 2-acetamido-2-deoxy-beta-D-glucopyranose-(1-4)-2-acetamido-2-deoxy-beta-D-glucopyranose
3 non-polymer 'CALCIUM ION'
4 non-polymer 2-acetamido-2-deoxy-beta-D-glucopyranose
5 non-polymer ZANAMIVIR
6 non-polymer GLYCEROL
7 water water
#
_entity_poly.entity_id   1
_entity_poly.type   'polypeptide(L)'
_entity_poly.pdbx_seq_one_letter_code
;PEFLNNTEPLCNVSGFAIVSKDNGIRIGSRGHVFVIREPFVACGPTECRTFFLTQGALLNDKHSNNTVKDRSPYRALMSV
PLGSSPNAYQAKFESVAWSATACHDGKKWLAVGISGADDDAYAVIHYGGMPTDVVRSWRKQILRTQESSCVCMNGNCYWV
MTDGPANSQASYKIFKSHEGMVTNEREVSFQGGHIEECSCYPNLGKVECVCRDNWNGMNRPILIFDEDLDYEVGYLCAGI
PTDTPRVQDSSFTGSCTNAVGGSGTNNYGVKGFGFRQGNSVWAGRTVSISSRSGFEILLIEDGWIRTSKTIVKKVEVLNN
KNWSGYSGAFTIPITMTSKQCLVPCFWLEMIRGKPEERTSIWTSSSSTVFCGVSSEVPGWSWDDGAILPFDIDKM
;
_entity_poly.pdbx_strand_id   A,B
#
# COMPACT_ATOMS: atom_id res chain seq x y z
N PRO A 1 -20.57 -22.03 -1.42
CA PRO A 1 -19.24 -21.52 -1.06
C PRO A 1 -19.12 -20.03 -1.35
N GLU A 2 -18.84 -19.24 -0.31
CA GLU A 2 -18.64 -17.81 -0.47
C GLU A 2 -17.34 -17.40 0.21
N PHE A 3 -16.80 -16.25 -0.19
CA PHE A 3 -15.57 -15.78 0.45
C PHE A 3 -15.83 -15.41 1.90
N LEU A 4 -14.89 -15.71 2.77
CA LEU A 4 -14.93 -15.26 4.15
C LEU A 4 -14.67 -13.76 4.20
N ASN A 5 -15.51 -13.02 4.91
CA ASN A 5 -15.27 -11.59 5.12
C ASN A 5 -13.97 -11.39 5.89
N ASN A 6 -13.92 -11.95 7.09
CA ASN A 6 -12.73 -11.86 7.94
C ASN A 6 -12.36 -10.40 8.25
N THR A 7 -13.37 -9.54 8.33
CA THR A 7 -13.17 -8.13 8.60
C THR A 7 -13.58 -7.75 10.02
N GLU A 8 -13.92 -8.76 10.81
CA GLU A 8 -14.33 -8.57 12.19
C GLU A 8 -13.16 -8.15 13.06
N PRO A 9 -13.44 -7.57 14.24
CA PRO A 9 -12.34 -7.29 15.16
C PRO A 9 -11.77 -8.59 15.71
N LEU A 10 -10.50 -8.57 16.11
CA LEU A 10 -9.91 -9.69 16.83
C LEU A 10 -10.51 -9.74 18.23
N CYS A 11 -10.84 -10.94 18.72
CA CYS A 11 -11.33 -11.09 20.08
C CYS A 11 -10.29 -10.65 21.11
N ASN A 12 -10.76 -10.06 22.20
CA ASN A 12 -9.94 -9.89 23.38
C ASN A 12 -10.03 -11.18 24.19
N VAL A 13 -8.87 -11.72 24.57
CA VAL A 13 -8.86 -12.97 25.32
C VAL A 13 -8.03 -12.84 26.58
N SER A 14 -8.37 -13.64 27.59
CA SER A 14 -7.72 -13.56 28.89
C SER A 14 -6.84 -14.77 29.17
N GLY A 15 -6.86 -15.74 28.28
CA GLY A 15 -6.05 -16.93 28.48
C GLY A 15 -5.99 -17.75 27.21
N PHE A 16 -5.12 -18.76 27.20
CA PHE A 16 -4.96 -19.62 26.04
C PHE A 16 -5.07 -21.09 26.45
N ALA A 17 -5.98 -21.80 25.80
CA ALA A 17 -6.26 -23.20 26.11
C ALA A 17 -5.66 -24.09 25.04
N ILE A 18 -5.08 -25.22 25.43
CA ILE A 18 -4.47 -26.12 24.46
C ILE A 18 -5.55 -26.78 23.59
N VAL A 19 -5.30 -26.80 22.29
CA VAL A 19 -6.25 -27.33 21.33
C VAL A 19 -5.78 -28.66 20.76
N SER A 20 -4.49 -28.76 20.51
CA SER A 20 -3.94 -30.00 19.96
C SER A 20 -2.48 -30.19 20.26
N LYS A 21 -2.04 -31.43 20.13
CA LYS A 21 -0.64 -31.79 20.23
C LYS A 21 -0.46 -33.01 19.33
N ASP A 22 0.47 -32.95 18.40
CA ASP A 22 0.56 -34.02 17.40
C ASP A 22 1.45 -35.21 17.78
N ASN A 23 2.36 -35.00 18.73
CA ASN A 23 3.24 -36.07 19.20
C ASN A 23 3.95 -36.77 18.05
N GLY A 24 4.25 -36.01 17.00
CA GLY A 24 4.74 -36.59 15.75
C GLY A 24 6.05 -37.35 15.85
N ILE A 25 6.97 -36.84 16.66
CA ILE A 25 8.28 -37.48 16.76
C ILE A 25 8.21 -38.75 17.61
N ARG A 26 7.46 -38.70 18.70
CA ARG A 26 7.20 -39.92 19.48
C ARG A 26 6.61 -41.01 18.59
N ILE A 27 5.59 -40.64 17.82
CA ILE A 27 4.93 -41.59 16.93
C ILE A 27 5.91 -42.10 15.86
N GLY A 28 6.72 -41.19 15.32
CA GLY A 28 7.67 -41.51 14.27
C GLY A 28 8.85 -42.36 14.69
N SER A 29 8.94 -42.68 15.98
CA SER A 29 9.93 -43.65 16.45
C SER A 29 9.66 -45.00 15.80
N ARG A 30 8.39 -45.27 15.49
CA ARG A 30 8.00 -46.55 14.88
C ARG A 30 7.13 -46.35 13.64
N GLY A 31 6.22 -45.38 13.70
CA GLY A 31 5.34 -45.09 12.59
C GLY A 31 6.08 -44.38 11.47
N HIS A 32 5.38 -44.17 10.35
CA HIS A 32 5.98 -43.58 9.19
C HIS A 32 5.59 -42.11 9.13
N VAL A 33 6.49 -41.28 9.64
CA VAL A 33 6.23 -39.87 9.86
C VAL A 33 7.33 -39.05 9.22
N PHE A 34 6.95 -38.00 8.49
CA PHE A 34 7.94 -37.16 7.83
C PHE A 34 8.87 -36.47 8.83
N VAL A 35 10.14 -36.37 8.47
CA VAL A 35 11.00 -35.37 9.08
C VAL A 35 10.50 -34.02 8.56
N ILE A 36 10.29 -33.08 9.47
CA ILE A 36 9.78 -31.77 9.09
C ILE A 36 10.49 -30.66 9.83
N ARG A 37 10.16 -29.43 9.48
CA ARG A 37 10.31 -28.28 10.37
C ARG A 37 9.37 -27.20 9.85
N GLU A 38 9.32 -26.07 10.54
CA GLU A 38 8.46 -24.96 10.12
C GLU A 38 6.99 -25.38 9.95
N PRO A 39 6.41 -26.00 11.00
CA PRO A 39 4.97 -26.29 10.93
C PRO A 39 4.17 -25.01 11.15
N PHE A 40 2.92 -25.00 10.69
CA PHE A 40 2.02 -23.90 11.04
C PHE A 40 0.59 -24.33 10.87
N VAL A 41 -0.35 -23.55 11.38
CA VAL A 41 -1.76 -23.88 11.29
C VAL A 41 -2.50 -22.79 10.52
N ALA A 42 -3.45 -23.21 9.69
CA ALA A 42 -4.34 -22.27 9.02
C ALA A 42 -5.74 -22.88 9.01
N CYS A 43 -6.75 -22.02 9.07
CA CYS A 43 -8.13 -22.48 9.14
C CYS A 43 -8.96 -22.06 7.94
N GLY A 44 -9.72 -23.01 7.41
CA GLY A 44 -10.75 -22.70 6.43
C GLY A 44 -12.08 -22.53 7.14
N PRO A 45 -13.17 -22.41 6.37
CA PRO A 45 -14.51 -22.20 6.95
C PRO A 45 -14.95 -23.33 7.86
N THR A 46 -14.47 -24.54 7.61
CA THR A 46 -14.99 -25.72 8.30
C THR A 46 -13.93 -26.63 8.91
N GLU A 47 -12.66 -26.32 8.67
CA GLU A 47 -11.58 -27.17 9.14
C GLU A 47 -10.30 -26.38 9.36
N CYS A 48 -9.56 -26.71 10.40
CA CYS A 48 -8.19 -26.22 10.55
C CYS A 48 -7.21 -27.32 10.17
N ARG A 49 -6.11 -26.95 9.51
CA ARG A 49 -5.11 -27.92 9.11
C ARG A 49 -3.71 -27.53 9.56
N THR A 50 -2.89 -28.52 9.86
CA THR A 50 -1.47 -28.28 10.12
C THR A 50 -0.66 -28.45 8.85
N PHE A 51 0.06 -27.38 8.50
CA PHE A 51 0.96 -27.38 7.37
C PHE A 51 2.38 -27.57 7.87
N PHE A 52 3.26 -28.06 7.00
CA PHE A 52 4.64 -28.29 7.41
C PHE A 52 5.55 -28.44 6.20
N LEU A 53 6.84 -28.15 6.39
CA LEU A 53 7.82 -28.39 5.35
C LEU A 53 8.53 -29.71 5.61
N THR A 54 8.26 -30.71 4.79
CA THR A 54 8.97 -31.97 4.95
C THR A 54 10.40 -31.82 4.49
N GLN A 55 11.20 -32.84 4.79
CA GLN A 55 12.53 -32.98 4.21
C GLN A 55 12.52 -34.09 3.16
N GLY A 56 11.32 -34.49 2.71
CA GLY A 56 11.19 -35.55 1.72
C GLY A 56 11.80 -36.85 2.21
N ALA A 57 11.70 -37.08 3.51
CA ALA A 57 12.29 -38.25 4.14
C ALA A 57 11.52 -38.55 5.42
N LEU A 58 11.63 -39.78 5.91
CA LEU A 58 10.92 -40.20 7.12
C LEU A 58 11.84 -40.33 8.33
N LEU A 59 11.27 -40.11 9.51
CA LEU A 59 12.00 -40.30 10.75
C LEU A 59 12.52 -41.71 10.89
N ASN A 60 13.71 -41.85 11.48
CA ASN A 60 14.34 -43.14 11.68
C ASN A 60 14.77 -43.84 10.39
N ASP A 61 14.87 -43.06 9.31
CA ASP A 61 15.40 -43.59 8.05
C ASP A 61 16.71 -42.89 7.69
N LYS A 62 17.55 -43.55 6.91
CA LYS A 62 18.85 -42.97 6.55
C LYS A 62 18.74 -41.64 5.82
N HIS A 63 17.62 -41.40 5.14
CA HIS A 63 17.45 -40.15 4.41
C HIS A 63 17.20 -38.97 5.35
N SER A 64 17.04 -39.25 6.63
CA SER A 64 16.88 -38.17 7.62
C SER A 64 18.24 -37.57 7.99
N ASN A 65 19.32 -38.18 7.51
CA ASN A 65 20.66 -37.67 7.77
C ASN A 65 20.79 -36.25 7.22
N ASN A 66 21.43 -35.38 8.00
N ASN A 66 21.39 -35.37 8.01
CA ASN A 66 21.71 -33.99 7.60
CA ASN A 66 21.71 -34.00 7.58
C ASN A 66 20.49 -33.11 7.38
C ASN A 66 20.48 -33.13 7.34
N THR A 67 19.37 -33.45 8.00
CA THR A 67 18.15 -32.67 7.86
C THR A 67 18.14 -31.37 8.69
N VAL A 68 19.24 -31.04 9.34
CA VAL A 68 19.38 -29.73 9.94
C VAL A 68 19.41 -28.68 8.82
N LYS A 69 19.82 -29.11 7.62
CA LYS A 69 19.92 -28.21 6.47
C LYS A 69 18.56 -27.61 6.10
N ASP A 70 18.57 -26.32 5.75
CA ASP A 70 17.32 -25.58 5.55
C ASP A 70 16.65 -25.77 4.19
N ARG A 71 17.44 -25.93 3.14
CA ARG A 71 16.87 -25.90 1.80
C ARG A 71 17.41 -27.04 0.94
N SER A 72 16.52 -27.66 0.18
CA SER A 72 16.89 -28.74 -0.73
C SER A 72 15.76 -28.91 -1.74
N PRO A 73 16.01 -29.67 -2.82
CA PRO A 73 14.96 -29.93 -3.80
C PRO A 73 13.92 -30.93 -3.31
N TYR A 74 14.15 -31.53 -2.14
CA TYR A 74 13.27 -32.59 -1.65
C TYR A 74 12.24 -32.10 -0.64
N ARG A 75 12.33 -30.84 -0.23
CA ARG A 75 11.37 -30.30 0.73
C ARG A 75 10.06 -29.96 0.04
N ALA A 76 8.95 -30.25 0.72
CA ALA A 76 7.63 -29.96 0.20
C ALA A 76 6.74 -29.44 1.31
N LEU A 77 5.85 -28.52 0.96
CA LEU A 77 4.77 -28.12 1.83
C LEU A 77 3.66 -29.17 1.74
N MET A 78 3.28 -29.75 2.88
CA MET A 78 2.15 -30.66 2.93
C MET A 78 1.26 -30.28 4.11
N SER A 79 0.11 -30.93 4.23
CA SER A 79 -0.78 -30.65 5.36
C SER A 79 -1.51 -31.89 5.84
N VAL A 80 -1.94 -31.85 7.10
CA VAL A 80 -2.79 -32.88 7.68
C VAL A 80 -3.87 -32.19 8.51
N PRO A 81 -4.94 -32.92 8.85
CA PRO A 81 -5.90 -32.30 9.77
C PRO A 81 -5.24 -31.92 11.09
N LEU A 82 -5.74 -30.86 11.71
CA LEU A 82 -5.16 -30.36 12.95
C LEU A 82 -5.06 -31.45 14.01
N GLY A 83 -3.86 -31.65 14.54
CA GLY A 83 -3.66 -32.64 15.58
C GLY A 83 -3.06 -33.95 15.11
N SER A 84 -3.13 -34.20 13.80
CA SER A 84 -2.53 -35.41 13.24
C SER A 84 -1.01 -35.28 13.15
N SER A 85 -0.33 -36.41 13.26
CA SER A 85 1.11 -36.45 12.97
C SER A 85 1.31 -36.13 11.49
N PRO A 86 2.48 -35.57 11.13
CA PRO A 86 2.75 -35.30 9.72
C PRO A 86 3.21 -36.58 9.03
N ASN A 87 2.29 -37.53 8.90
CA ASN A 87 2.67 -38.88 8.48
C ASN A 87 2.55 -39.16 6.98
N ALA A 88 3.16 -40.26 6.57
CA ALA A 88 3.32 -40.57 5.15
C ALA A 88 2.01 -40.85 4.42
N TYR A 89 0.95 -41.16 5.17
CA TYR A 89 -0.26 -41.67 4.52
C TYR A 89 -1.47 -40.74 4.64
N GLN A 90 -1.41 -39.80 5.57
CA GLN A 90 -2.45 -38.78 5.68
C GLN A 90 -2.04 -37.48 5.02
N ALA A 91 -0.73 -37.26 4.85
CA ALA A 91 -0.24 -35.99 4.33
C ALA A 91 -0.81 -35.67 2.97
N LYS A 92 -1.30 -34.44 2.83
CA LYS A 92 -1.78 -33.93 1.55
C LYS A 92 -0.69 -33.04 0.94
N PHE A 93 -0.27 -33.34 -0.29
CA PHE A 93 0.75 -32.52 -0.94
C PHE A 93 0.18 -31.15 -1.32
N GLU A 94 0.89 -30.08 -0.94
CA GLU A 94 0.44 -28.72 -1.24
C GLU A 94 1.32 -28.00 -2.28
N SER A 95 2.63 -28.06 -2.11
CA SER A 95 3.56 -27.36 -2.98
C SER A 95 4.97 -27.88 -2.80
N VAL A 96 5.80 -27.78 -3.83
CA VAL A 96 7.23 -27.93 -3.62
C VAL A 96 7.63 -26.68 -2.84
N ALA A 97 8.43 -26.84 -1.78
CA ALA A 97 8.72 -25.69 -0.93
C ALA A 97 9.79 -25.92 0.11
N TRP A 98 10.72 -24.98 0.22
CA TRP A 98 11.57 -24.87 1.41
C TRP A 98 11.24 -23.61 2.22
N SER A 99 10.24 -22.87 1.77
CA SER A 99 9.65 -21.76 2.53
C SER A 99 8.23 -21.59 2.02
N ALA A 100 7.29 -21.26 2.91
CA ALA A 100 5.88 -21.31 2.50
C ALA A 100 4.94 -20.49 3.35
N THR A 101 3.74 -20.27 2.80
CA THR A 101 2.62 -19.74 3.56
C THR A 101 1.36 -20.33 2.94
N ALA A 102 0.27 -20.40 3.70
CA ALA A 102 -0.99 -20.94 3.19
C ALA A 102 -2.16 -20.37 3.99
N CYS A 103 -3.32 -20.32 3.35
CA CYS A 103 -4.53 -19.81 3.98
C CYS A 103 -5.74 -20.16 3.12
N HIS A 104 -6.93 -19.91 3.64
CA HIS A 104 -8.15 -20.29 2.92
C HIS A 104 -9.04 -19.05 2.78
N ASP A 105 -9.53 -18.81 1.57
CA ASP A 105 -10.31 -17.57 1.35
C ASP A 105 -11.81 -17.75 1.55
N GLY A 106 -12.22 -18.94 1.98
CA GLY A 106 -13.63 -19.25 2.13
C GLY A 106 -14.12 -20.20 1.05
N LYS A 107 -13.49 -20.12 -0.12
CA LYS A 107 -13.83 -21.01 -1.23
C LYS A 107 -12.78 -22.10 -1.43
N LYS A 108 -11.50 -21.71 -1.48
CA LYS A 108 -10.42 -22.66 -1.72
C LYS A 108 -9.17 -22.39 -0.89
N TRP A 109 -8.31 -23.40 -0.77
CA TRP A 109 -7.00 -23.24 -0.15
C TRP A 109 -6.03 -22.55 -1.09
N LEU A 110 -5.29 -21.58 -0.54
CA LEU A 110 -4.18 -20.95 -1.23
C LEU A 110 -2.90 -21.44 -0.58
N ALA A 111 -1.96 -21.92 -1.38
CA ALA A 111 -0.66 -22.30 -0.85
C ALA A 111 0.43 -21.65 -1.69
N VAL A 112 1.39 -21.02 -1.02
CA VAL A 112 2.51 -20.36 -1.69
C VAL A 112 3.79 -21.06 -1.27
N GLY A 113 4.47 -21.70 -2.22
CA GLY A 113 5.66 -22.48 -1.91
C GLY A 113 6.86 -22.03 -2.71
N ILE A 114 7.97 -21.76 -2.03
CA ILE A 114 9.20 -21.32 -2.67
C ILE A 114 10.20 -22.45 -2.82
N SER A 115 10.70 -22.65 -4.04
CA SER A 115 11.78 -23.59 -4.26
C SER A 115 12.76 -23.01 -5.28
N GLY A 116 13.74 -23.81 -5.69
CA GLY A 116 14.76 -23.34 -6.60
C GLY A 116 16.07 -23.02 -5.90
N ALA A 117 17.04 -22.57 -6.69
CA ALA A 117 18.35 -22.21 -6.17
C ALA A 117 18.29 -20.95 -5.29
N ASP A 118 19.24 -20.83 -4.38
CA ASP A 118 19.28 -19.67 -3.50
C ASP A 118 19.33 -18.36 -4.27
N ASP A 119 20.03 -18.36 -5.40
CA ASP A 119 20.21 -17.13 -6.16
C ASP A 119 19.19 -16.94 -7.28
N ASP A 120 18.16 -17.79 -7.33
CA ASP A 120 17.14 -17.63 -8.36
C ASP A 120 15.91 -18.45 -8.01
N ALA A 121 15.45 -18.30 -6.77
CA ALA A 121 14.29 -19.02 -6.29
C ALA A 121 13.00 -18.40 -6.83
N TYR A 122 11.91 -19.15 -6.75
CA TYR A 122 10.60 -18.60 -7.10
C TYR A 122 9.49 -19.26 -6.31
N ALA A 123 8.47 -18.46 -5.99
CA ALA A 123 7.28 -18.97 -5.34
C ALA A 123 6.29 -19.43 -6.39
N VAL A 124 5.71 -20.60 -6.18
CA VAL A 124 4.59 -21.04 -7.00
C VAL A 124 3.34 -20.91 -6.15
N ILE A 125 2.33 -20.24 -6.71
CA ILE A 125 1.07 -20.05 -6.01
C ILE A 125 0.09 -21.12 -6.46
N HIS A 126 -0.41 -21.88 -5.50
CA HIS A 126 -1.37 -22.95 -5.78
C HIS A 126 -2.72 -22.51 -5.24
N TYR A 127 -3.75 -22.63 -6.05
CA TYR A 127 -5.09 -22.26 -5.60
C TYR A 127 -6.07 -23.36 -5.98
N GLY A 128 -6.70 -23.96 -4.97
CA GLY A 128 -7.56 -25.10 -5.19
C GLY A 128 -6.77 -26.26 -5.77
N GLY A 129 -5.48 -26.28 -5.48
CA GLY A 129 -4.63 -27.38 -5.88
C GLY A 129 -4.04 -27.22 -7.27
N MET A 130 -4.31 -26.09 -7.91
CA MET A 130 -3.81 -25.82 -9.24
C MET A 130 -2.81 -24.67 -9.22
N PRO A 131 -1.70 -24.81 -9.96
CA PRO A 131 -0.73 -23.72 -10.03
C PRO A 131 -1.32 -22.55 -10.82
N THR A 132 -1.40 -21.38 -10.20
CA THR A 132 -2.07 -20.24 -10.83
C THR A 132 -1.11 -19.10 -11.20
N ASP A 133 -0.04 -18.92 -10.42
CA ASP A 133 0.85 -17.78 -10.63
C ASP A 133 2.22 -18.05 -10.02
N VAL A 134 3.18 -17.20 -10.33
CA VAL A 134 4.51 -17.31 -9.77
C VAL A 134 5.01 -15.95 -9.29
N VAL A 135 5.89 -15.96 -8.29
CA VAL A 135 6.60 -14.76 -7.90
C VAL A 135 8.09 -15.05 -7.91
N ARG A 136 8.83 -14.33 -8.75
CA ARG A 136 10.26 -14.56 -8.84
C ARG A 136 11.02 -13.77 -7.80
N SER A 137 12.17 -14.31 -7.40
CA SER A 137 13.10 -13.59 -6.56
C SER A 137 13.50 -12.29 -7.26
N TRP A 138 13.41 -11.17 -6.55
CA TRP A 138 13.74 -9.87 -7.13
C TRP A 138 15.11 -9.34 -6.66
N ARG A 139 15.68 -9.98 -5.63
CA ARG A 139 17.02 -9.63 -5.15
C ARG A 139 18.01 -10.79 -5.31
N LYS A 140 17.50 -11.94 -5.76
CA LYS A 140 18.33 -13.10 -6.05
C LYS A 140 19.12 -13.58 -4.82
N GLN A 141 18.46 -13.54 -3.66
CA GLN A 141 19.12 -13.91 -2.42
C GLN A 141 18.16 -14.54 -1.42
N ILE A 142 17.85 -15.81 -1.66
CA ILE A 142 16.96 -16.61 -0.81
C ILE A 142 15.60 -15.96 -0.58
N LEU A 143 14.83 -15.83 -1.65
CA LEU A 143 13.45 -15.42 -1.54
C LEU A 143 12.78 -16.29 -0.48
N ARG A 144 12.06 -15.67 0.44
CA ARG A 144 11.51 -16.41 1.57
C ARG A 144 10.25 -15.74 2.11
N THR A 145 9.44 -16.50 2.84
CA THR A 145 8.18 -15.97 3.31
C THR A 145 7.85 -16.35 4.76
N GLN A 146 6.57 -16.37 5.10
CA GLN A 146 6.13 -16.34 6.49
C GLN A 146 6.40 -17.57 7.34
N GLU A 147 6.28 -18.75 6.74
CA GLU A 147 6.22 -20.02 7.48
C GLU A 147 5.07 -20.01 8.48
N SER A 148 3.99 -19.32 8.12
CA SER A 148 2.75 -19.38 8.89
C SER A 148 1.60 -18.96 7.99
N SER A 149 0.39 -18.93 8.55
N SER A 149 0.39 -18.93 8.55
CA SER A 149 -0.79 -18.67 7.74
CA SER A 149 -0.80 -18.65 7.76
C SER A 149 -0.82 -17.26 7.15
C SER A 149 -0.80 -17.25 7.14
N CYS A 150 -1.24 -17.17 5.89
CA CYS A 150 -1.47 -15.87 5.27
C CYS A 150 -2.84 -15.40 5.72
N VAL A 151 -3.28 -14.26 5.21
CA VAL A 151 -4.57 -13.69 5.66
C VAL A 151 -5.46 -13.42 4.45
N CYS A 152 -6.70 -13.91 4.51
CA CYS A 152 -7.67 -13.65 3.45
C CYS A 152 -8.81 -12.82 4.00
N MET A 153 -9.18 -11.76 3.28
CA MET A 153 -10.33 -10.95 3.63
C MET A 153 -11.11 -10.59 2.36
N ASN A 154 -12.41 -10.84 2.37
CA ASN A 154 -13.26 -10.46 1.23
C ASN A 154 -12.78 -11.01 -0.10
N GLY A 155 -12.15 -12.18 -0.08
CA GLY A 155 -11.73 -12.82 -1.32
C GLY A 155 -10.33 -12.48 -1.78
N ASN A 156 -9.65 -11.61 -1.04
CA ASN A 156 -8.27 -11.28 -1.34
C ASN A 156 -7.37 -11.87 -0.28
N CYS A 157 -6.23 -12.42 -0.67
CA CYS A 157 -5.31 -13.01 0.29
C CYS A 157 -3.97 -12.30 0.24
N TYR A 158 -3.37 -12.11 1.41
CA TYR A 158 -2.18 -11.27 1.57
C TYR A 158 -1.07 -12.02 2.28
N TRP A 159 0.17 -11.76 1.89
CA TRP A 159 1.32 -12.32 2.59
C TRP A 159 2.55 -11.45 2.41
N VAL A 160 3.56 -11.68 3.24
CA VAL A 160 4.77 -10.89 3.22
C VAL A 160 5.95 -11.77 2.81
N MET A 161 6.83 -11.24 1.95
CA MET A 161 8.03 -11.94 1.53
C MET A 161 9.27 -11.06 1.69
N THR A 162 10.42 -11.72 1.80
CA THR A 162 11.70 -11.04 1.95
C THR A 162 12.69 -11.62 0.95
N ASP A 163 13.63 -10.79 0.51
CA ASP A 163 14.67 -11.23 -0.41
C ASP A 163 15.89 -10.37 -0.11
N GLY A 164 17.06 -11.00 0.04
CA GLY A 164 18.25 -10.27 0.42
C GLY A 164 18.95 -10.88 1.62
N PRO A 165 19.99 -10.19 2.12
CA PRO A 165 20.86 -10.68 3.20
C PRO A 165 20.10 -11.11 4.45
N ALA A 166 20.65 -12.10 5.13
CA ALA A 166 20.09 -12.58 6.39
C ALA A 166 20.49 -11.70 7.56
N ASN A 167 21.64 -11.03 7.43
CA ASN A 167 22.21 -10.25 8.54
C ASN A 167 22.53 -8.80 8.19
N SER A 168 21.82 -8.25 7.22
CA SER A 168 21.94 -6.82 6.94
C SER A 168 20.71 -6.40 6.16
N GLN A 169 20.70 -5.16 5.68
CA GLN A 169 19.52 -4.63 5.03
C GLN A 169 19.04 -5.52 3.90
N ALA A 170 17.77 -5.91 3.94
CA ALA A 170 17.19 -6.70 2.86
C ALA A 170 15.98 -5.96 2.30
N SER A 171 15.23 -6.63 1.43
CA SER A 171 14.05 -6.04 0.80
C SER A 171 12.79 -6.79 1.23
N TYR A 172 11.74 -6.04 1.53
CA TYR A 172 10.53 -6.61 2.11
C TYR A 172 9.32 -6.19 1.28
N LYS A 173 8.49 -7.16 0.90
CA LYS A 173 7.34 -6.87 0.05
C LYS A 173 6.06 -7.49 0.57
N ILE A 174 4.96 -6.77 0.38
CA ILE A 174 3.63 -7.28 0.69
C ILE A 174 2.94 -7.64 -0.62
N PHE A 175 2.23 -8.76 -0.61
CA PHE A 175 1.54 -9.23 -1.80
C PHE A 175 0.04 -9.37 -1.58
N LYS A 176 -0.72 -9.06 -2.62
CA LYS A 176 -2.17 -9.23 -2.61
C LYS A 176 -2.54 -10.14 -3.77
N SER A 177 -3.46 -11.06 -3.52
CA SER A 177 -3.89 -12.01 -4.54
C SER A 177 -5.40 -12.22 -4.52
N HIS A 178 -5.93 -12.64 -5.66
CA HIS A 178 -7.34 -13.03 -5.77
C HIS A 178 -7.41 -14.29 -6.61
N GLU A 179 -7.96 -15.35 -6.04
CA GLU A 179 -8.07 -16.64 -6.71
C GLU A 179 -6.71 -17.10 -7.26
N GLY A 180 -5.66 -16.86 -6.48
CA GLY A 180 -4.35 -17.38 -6.80
C GLY A 180 -3.53 -16.52 -7.73
N MET A 181 -4.09 -15.40 -8.18
CA MET A 181 -3.37 -14.47 -9.04
C MET A 181 -2.89 -13.26 -8.23
N VAL A 182 -1.61 -12.92 -8.36
CA VAL A 182 -1.11 -11.72 -7.72
C VAL A 182 -1.74 -10.50 -8.38
N THR A 183 -2.40 -9.66 -7.59
CA THR A 183 -3.10 -8.50 -8.14
C THR A 183 -2.49 -7.16 -7.71
N ASN A 184 -1.62 -7.20 -6.70
CA ASN A 184 -0.94 -5.99 -6.24
C ASN A 184 0.28 -6.40 -5.42
N GLU A 185 1.28 -5.52 -5.39
CA GLU A 185 2.41 -5.72 -4.50
C GLU A 185 2.94 -4.36 -4.07
N ARG A 186 3.63 -4.32 -2.93
CA ARG A 186 4.17 -3.07 -2.43
C ARG A 186 5.47 -3.35 -1.68
N GLU A 187 6.52 -2.61 -1.99
CA GLU A 187 7.74 -2.73 -1.21
C GLU A 187 7.67 -1.85 0.03
N VAL A 188 8.06 -2.44 1.15
CA VAL A 188 8.03 -1.77 2.44
C VAL A 188 9.36 -1.09 2.71
N SER A 189 9.33 0.23 2.91
CA SER A 189 10.53 0.99 3.24
C SER A 189 10.81 0.86 4.74
N PHE A 190 11.97 0.29 5.08
CA PHE A 190 12.27 -0.01 6.48
C PHE A 190 13.80 0.04 6.65
N GLN A 191 14.36 1.22 6.44
CA GLN A 191 15.81 1.39 6.53
C GLN A 191 16.31 1.16 7.95
N GLY A 192 17.27 0.25 8.08
CA GLY A 192 17.81 -0.11 9.38
C GLY A 192 17.01 -1.21 10.05
N GLY A 193 15.88 -1.57 9.45
CA GLY A 193 15.04 -2.64 9.97
C GLY A 193 15.18 -3.91 9.16
N HIS A 194 14.73 -5.01 9.73
CA HIS A 194 14.83 -6.31 9.08
C HIS A 194 13.58 -7.09 9.38
N ILE A 195 12.94 -7.61 8.34
CA ILE A 195 11.67 -8.32 8.47
C ILE A 195 11.77 -9.71 7.84
N GLU A 196 11.44 -10.72 8.63
CA GLU A 196 11.39 -12.10 8.16
C GLU A 196 10.26 -12.82 8.88
N GLU A 197 9.76 -13.88 8.24
CA GLU A 197 8.88 -14.83 8.92
C GLU A 197 7.74 -14.17 9.69
N CYS A 198 7.01 -13.30 9.02
CA CYS A 198 5.93 -12.57 9.67
C CYS A 198 4.80 -13.49 10.12
N SER A 199 4.33 -13.26 11.34
CA SER A 199 3.12 -13.90 11.84
C SER A 199 1.99 -12.89 11.75
N CYS A 200 1.04 -13.14 10.87
CA CYS A 200 0.03 -12.15 10.53
C CYS A 200 -1.37 -12.66 10.84
N TYR A 201 -2.27 -11.73 11.14
CA TYR A 201 -3.65 -12.08 11.40
C TYR A 201 -4.54 -10.89 11.04
N PRO A 202 -5.81 -11.14 10.73
CA PRO A 202 -6.74 -10.05 10.45
C PRO A 202 -7.25 -9.40 11.73
N ASN A 203 -7.42 -8.08 11.70
CA ASN A 203 -7.98 -7.36 12.84
C ASN A 203 -8.70 -6.12 12.32
N LEU A 204 -10.04 -6.15 12.37
CA LEU A 204 -10.86 -5.05 11.91
C LEU A 204 -10.53 -4.62 10.47
N GLY A 205 -10.30 -5.61 9.61
CA GLY A 205 -10.15 -5.35 8.19
C GLY A 205 -8.75 -4.97 7.76
N LYS A 206 -7.82 -4.97 8.71
CA LYS A 206 -6.42 -4.76 8.38
C LYS A 206 -5.62 -6.00 8.72
N VAL A 207 -4.43 -6.12 8.13
CA VAL A 207 -3.55 -7.23 8.46
C VAL A 207 -2.49 -6.71 9.40
N GLU A 208 -2.39 -7.35 10.58
CA GLU A 208 -1.37 -7.00 11.56
C GLU A 208 -0.36 -8.14 11.65
N CYS A 209 0.92 -7.78 11.53
CA CYS A 209 2.00 -8.77 11.50
C CYS A 209 3.03 -8.49 12.58
N VAL A 210 3.49 -9.55 13.23
CA VAL A 210 4.61 -9.47 14.17
C VAL A 210 5.70 -10.38 13.60
N CYS A 211 6.90 -9.83 13.41
CA CYS A 211 7.90 -10.53 12.61
C CYS A 211 9.21 -10.79 13.35
N ARG A 212 10.21 -11.25 12.59
CA ARG A 212 11.54 -11.54 13.12
C ARG A 212 12.54 -10.59 12.48
N ASP A 213 13.33 -9.92 13.31
CA ASP A 213 14.44 -9.10 12.83
C ASP A 213 15.69 -9.94 13.02
N ASN A 214 16.39 -10.27 11.94
CA ASN A 214 17.55 -11.17 12.04
C ASN A 214 18.85 -10.39 11.94
N TRP A 215 18.75 -9.09 12.14
CA TRP A 215 19.85 -8.15 11.94
C TRP A 215 20.18 -7.49 13.27
N ASN A 216 19.71 -6.26 13.48
CA ASN A 216 20.04 -5.50 14.69
C ASN A 216 18.98 -5.45 15.79
N GLY A 217 17.90 -6.20 15.65
CA GLY A 217 16.81 -6.10 16.62
C GLY A 217 16.49 -7.34 17.42
N MET A 218 16.45 -7.21 18.76
CA MET A 218 15.96 -8.27 19.63
C MET A 218 14.50 -7.96 19.98
N ASN A 219 14.03 -6.78 19.57
CA ASN A 219 12.60 -6.52 19.54
C ASN A 219 12.01 -6.92 18.19
N ARG A 220 10.70 -7.17 18.15
CA ARG A 220 10.07 -7.68 16.94
C ARG A 220 9.48 -6.58 16.08
N PRO A 221 9.76 -6.61 14.77
CA PRO A 221 9.11 -5.65 13.88
C PRO A 221 7.59 -5.86 13.86
N ILE A 222 6.87 -4.77 13.72
CA ILE A 222 5.43 -4.81 13.51
C ILE A 222 5.14 -4.18 12.16
N LEU A 223 4.34 -4.87 11.35
CA LEU A 223 3.93 -4.38 10.05
C LEU A 223 2.40 -4.47 9.97
N ILE A 224 1.75 -3.34 9.70
CA ILE A 224 0.30 -3.31 9.59
C ILE A 224 -0.06 -2.75 8.22
N PHE A 225 -0.96 -3.42 7.50
CA PHE A 225 -1.34 -2.93 6.19
C PHE A 225 -2.80 -3.14 5.85
N ASP A 226 -3.29 -2.40 4.85
CA ASP A 226 -4.69 -2.51 4.45
C ASP A 226 -4.81 -3.06 3.03
N GLU A 227 -6.03 -3.05 2.49
CA GLU A 227 -6.29 -3.69 1.20
C GLU A 227 -5.56 -3.02 0.03
N ASP A 228 -5.19 -1.75 0.19
CA ASP A 228 -4.43 -1.05 -0.84
C ASP A 228 -2.93 -1.32 -0.72
N LEU A 229 -2.56 -2.08 0.31
CA LEU A 229 -1.18 -2.32 0.68
C LEU A 229 -0.47 -1.07 1.22
N ASP A 230 -1.26 -0.08 1.65
CA ASP A 230 -0.73 1.02 2.44
C ASP A 230 -0.35 0.44 3.79
N TYR A 231 0.77 0.89 4.36
CA TYR A 231 1.29 0.21 5.54
C TYR A 231 1.87 1.16 6.59
N GLU A 232 1.97 0.65 7.80
CA GLU A 232 2.77 1.27 8.86
C GLU A 232 3.79 0.21 9.27
N VAL A 233 5.03 0.62 9.49
CA VAL A 233 6.05 -0.33 9.90
C VAL A 233 6.87 0.24 11.05
N GLY A 234 7.26 -0.60 11.98
CA GLY A 234 8.00 -0.19 13.16
C GLY A 234 8.34 -1.41 13.99
N TYR A 235 8.47 -1.22 15.31
CA TYR A 235 8.74 -2.32 16.23
C TYR A 235 7.69 -2.39 17.32
N LEU A 236 7.52 -3.58 17.89
CA LEU A 236 6.62 -3.74 19.03
C LEU A 236 7.12 -2.82 20.15
N CYS A 237 6.27 -1.88 20.55
CA CYS A 237 6.67 -0.81 21.48
C CYS A 237 7.16 -1.33 22.83
N ALA A 238 6.56 -2.42 23.30
CA ALA A 238 6.77 -2.91 24.66
C ALA A 238 8.23 -2.90 25.10
N GLY A 239 8.46 -2.50 26.34
CA GLY A 239 9.79 -2.55 26.94
C GLY A 239 10.14 -3.95 27.44
N ILE A 240 9.56 -4.94 26.79
CA ILE A 240 9.88 -6.34 27.05
C ILE A 240 10.29 -6.94 25.69
N PRO A 241 11.54 -7.41 25.59
CA PRO A 241 11.99 -7.97 24.30
C PRO A 241 11.47 -9.39 24.12
N THR A 242 11.08 -9.76 22.90
CA THR A 242 10.47 -11.07 22.70
C THR A 242 11.11 -11.94 21.61
N ASP A 243 12.22 -11.48 21.03
CA ASP A 243 12.98 -12.31 20.09
C ASP A 243 13.91 -13.21 20.91
N THR A 244 14.58 -14.14 20.23
CA THR A 244 15.64 -14.93 20.83
C THR A 244 16.72 -15.05 19.77
N PRO A 245 17.96 -14.66 20.09
CA PRO A 245 18.43 -14.23 21.42
C PRO A 245 18.02 -12.81 21.81
N ARG A 246 18.05 -12.54 23.12
CA ARG A 246 17.74 -11.23 23.67
C ARG A 246 18.47 -11.08 25.00
N VAL A 247 18.32 -9.93 25.65
CA VAL A 247 18.86 -9.75 26.99
C VAL A 247 17.74 -9.87 28.01
N GLN A 248 18.08 -9.91 29.29
CA GLN A 248 17.09 -9.93 30.35
C GLN A 248 16.26 -8.65 30.29
N ASP A 249 15.00 -8.74 30.73
CA ASP A 249 14.10 -7.60 30.63
C ASP A 249 14.66 -6.32 31.25
N SER A 250 15.31 -6.44 32.40
CA SER A 250 15.82 -5.26 33.09
C SER A 250 16.96 -4.55 32.35
N SER A 251 17.55 -5.22 31.37
CA SER A 251 18.63 -4.63 30.59
C SER A 251 18.13 -4.03 29.27
N PHE A 252 16.82 -4.04 29.09
CA PHE A 252 16.22 -3.66 27.82
C PHE A 252 15.34 -2.41 27.95
N THR A 253 15.45 -1.53 26.96
CA THR A 253 14.58 -0.36 26.86
C THR A 253 13.89 -0.42 25.51
N GLY A 254 12.57 -0.33 25.53
CA GLY A 254 11.79 -0.51 24.31
C GLY A 254 11.88 0.65 23.33
N SER A 255 11.42 0.39 22.12
CA SER A 255 11.28 1.43 21.10
C SER A 255 10.19 1.05 20.11
N CYS A 256 9.34 2.01 19.75
CA CYS A 256 8.32 1.82 18.73
C CYS A 256 8.89 1.92 17.30
N THR A 257 10.07 2.50 17.18
CA THR A 257 10.59 2.91 15.86
C THR A 257 11.91 2.26 15.47
N ASN A 258 12.71 1.91 16.46
CA ASN A 258 14.09 1.48 16.19
C ASN A 258 14.38 0.06 16.64
N ALA A 259 15.23 -0.61 15.86
CA ALA A 259 15.75 -1.91 16.26
C ALA A 259 16.63 -1.71 17.49
N VAL A 260 16.37 -2.49 18.54
CA VAL A 260 17.15 -2.44 19.75
C VAL A 260 17.88 -3.76 19.87
N GLY A 261 19.21 -3.72 19.90
CA GLY A 261 20.00 -4.93 19.86
C GLY A 261 21.29 -4.84 20.63
N GLY A 262 22.36 -5.41 20.07
CA GLY A 262 23.64 -5.45 20.72
C GLY A 262 23.70 -6.49 21.82
N SER A 263 24.71 -6.38 22.67
CA SER A 263 24.89 -7.30 23.79
C SER A 263 24.82 -8.78 23.39
N GLY A 264 25.35 -9.08 22.21
CA GLY A 264 25.43 -10.46 21.75
C GLY A 264 24.16 -11.03 21.15
N THR A 265 23.20 -10.16 20.85
CA THR A 265 21.92 -10.60 20.32
C THR A 265 21.76 -10.37 18.81
N ASN A 266 22.71 -9.66 18.20
CA ASN A 266 22.59 -9.34 16.77
C ASN A 266 22.74 -10.57 15.87
N ASN A 267 22.16 -10.48 14.68
CA ASN A 267 22.39 -11.46 13.61
C ASN A 267 21.72 -12.82 13.80
N TYR A 268 20.74 -12.90 14.68
CA TYR A 268 19.92 -14.10 14.75
C TYR A 268 18.55 -13.72 15.25
N GLY A 269 17.71 -14.72 15.48
CA GLY A 269 16.34 -14.47 15.87
C GLY A 269 15.59 -15.78 15.77
N VAL A 270 14.29 -15.71 16.02
CA VAL A 270 13.41 -16.87 15.88
C VAL A 270 12.05 -16.35 15.47
N LYS A 271 11.34 -17.10 14.62
CA LYS A 271 9.98 -16.71 14.28
C LYS A 271 9.12 -16.72 15.55
N GLY A 272 8.30 -15.68 15.71
CA GLY A 272 7.42 -15.56 16.84
C GLY A 272 6.16 -14.78 16.49
N PHE A 273 5.38 -14.44 17.50
CA PHE A 273 4.10 -13.80 17.24
C PHE A 273 3.67 -12.86 18.36
N GLY A 274 2.65 -12.06 18.06
CA GLY A 274 1.95 -11.28 19.07
C GLY A 274 0.57 -10.96 18.57
N PHE A 275 -0.34 -10.63 19.50
CA PHE A 275 -1.70 -10.24 19.16
C PHE A 275 -2.02 -8.92 19.83
N ARG A 276 -2.36 -7.91 19.03
CA ARG A 276 -2.86 -6.66 19.59
C ARG A 276 -4.15 -6.93 20.37
N GLN A 277 -4.28 -6.28 21.51
CA GLN A 277 -5.49 -6.34 22.32
C GLN A 277 -5.83 -4.90 22.72
N GLY A 278 -6.50 -4.18 21.82
CA GLY A 278 -6.69 -2.76 22.01
C GLY A 278 -5.35 -2.06 21.97
N ASN A 279 -4.92 -1.52 23.10
CA ASN A 279 -3.60 -0.90 23.22
C ASN A 279 -2.55 -1.85 23.79
N SER A 280 -3.01 -2.98 24.31
CA SER A 280 -2.11 -3.97 24.91
C SER A 280 -1.72 -5.02 23.88
N VAL A 281 -0.93 -6.00 24.31
CA VAL A 281 -0.47 -7.05 23.41
C VAL A 281 -0.20 -8.35 24.15
N TRP A 282 -0.64 -9.48 23.57
CA TRP A 282 -0.18 -10.79 23.99
C TRP A 282 1.03 -11.10 23.12
N ALA A 283 2.16 -11.41 23.73
CA ALA A 283 3.34 -11.75 22.95
C ALA A 283 3.98 -13.03 23.47
N GLY A 284 4.37 -13.90 22.55
CA GLY A 284 5.05 -15.13 22.91
C GLY A 284 6.56 -14.95 22.96
N ARG A 285 7.23 -15.79 23.73
CA ARG A 285 8.68 -15.85 23.68
C ARG A 285 9.21 -17.14 24.30
N THR A 286 10.41 -17.54 23.89
CA THR A 286 11.08 -18.65 24.56
C THR A 286 11.36 -18.23 26.00
N VAL A 287 11.45 -19.20 26.91
CA VAL A 287 11.78 -18.85 28.29
C VAL A 287 13.25 -18.44 28.39
N SER A 288 14.13 -19.19 27.74
CA SER A 288 15.54 -18.83 27.66
C SER A 288 15.75 -17.58 26.84
N ILE A 289 16.68 -16.73 27.26
CA ILE A 289 17.01 -15.53 26.50
C ILE A 289 18.01 -15.83 25.40
N SER A 290 18.65 -17.00 25.45
CA SER A 290 19.73 -17.31 24.54
C SER A 290 19.47 -18.48 23.61
N SER A 291 18.61 -19.40 24.02
CA SER A 291 18.36 -20.60 23.23
C SER A 291 16.88 -20.84 22.99
N ARG A 292 16.58 -21.72 22.05
CA ARG A 292 15.19 -22.04 21.74
C ARG A 292 14.68 -23.11 22.70
N SER A 293 14.50 -22.71 23.96
CA SER A 293 13.97 -23.61 24.97
C SER A 293 12.88 -22.91 25.79
N GLY A 294 11.87 -23.69 26.18
CA GLY A 294 10.74 -23.15 26.92
C GLY A 294 9.84 -22.29 26.06
N PHE A 295 8.62 -22.05 26.54
CA PHE A 295 7.77 -21.08 25.88
C PHE A 295 6.72 -20.51 26.83
N GLU A 296 6.56 -19.18 26.76
CA GLU A 296 5.59 -18.49 27.60
C GLU A 296 4.90 -17.42 26.77
N ILE A 297 3.72 -17.00 27.21
CA ILE A 297 3.03 -15.91 26.55
C ILE A 297 2.69 -14.84 27.58
N LEU A 298 2.89 -13.59 27.20
CA LEU A 298 2.79 -12.48 28.14
C LEU A 298 1.74 -11.49 27.66
N LEU A 299 0.90 -11.02 28.58
CA LEU A 299 0.01 -9.90 28.29
C LEU A 299 0.63 -8.64 28.84
N ILE A 300 1.03 -7.74 27.95
CA ILE A 300 1.73 -6.52 28.34
C ILE A 300 0.79 -5.32 28.21
N GLU A 301 0.53 -4.66 29.34
CA GLU A 301 -0.39 -3.55 29.38
C GLU A 301 0.13 -2.40 28.52
N ASP A 302 -0.69 -1.98 27.55
CA ASP A 302 -0.33 -0.89 26.64
C ASP A 302 0.92 -1.18 25.82
N GLY A 303 1.28 -2.44 25.70
CA GLY A 303 2.52 -2.82 25.04
C GLY A 303 2.54 -2.63 23.52
N TRP A 304 1.38 -2.38 22.93
CA TRP A 304 1.31 -2.12 21.50
C TRP A 304 1.61 -0.65 21.19
N ILE A 305 1.39 0.23 22.17
CA ILE A 305 1.48 1.67 21.90
C ILE A 305 2.57 2.41 22.68
N ARG A 306 3.14 1.77 23.69
CA ARG A 306 4.23 2.41 24.43
C ARG A 306 5.20 1.40 25.03
N THR A 307 6.33 1.91 25.50
CA THR A 307 7.44 1.08 25.96
C THR A 307 7.20 0.47 27.34
N SER A 308 5.98 -0.04 27.52
CA SER A 308 5.54 -0.59 28.80
C SER A 308 6.32 -1.83 29.25
N LYS A 309 6.55 -1.93 30.56
CA LYS A 309 7.17 -3.11 31.14
C LYS A 309 6.20 -3.83 32.06
N THR A 310 4.94 -3.43 31.99
CA THR A 310 3.91 -3.97 32.88
C THR A 310 3.30 -5.25 32.34
N ILE A 311 3.67 -6.37 32.94
CA ILE A 311 3.13 -7.67 32.56
C ILE A 311 1.95 -8.03 33.46
N VAL A 312 0.75 -8.04 32.89
CA VAL A 312 -0.46 -8.28 33.66
C VAL A 312 -0.78 -9.77 33.77
N LYS A 313 -0.42 -10.53 32.75
CA LYS A 313 -0.60 -11.98 32.77
C LYS A 313 0.59 -12.66 32.13
N LYS A 314 0.93 -13.83 32.65
CA LYS A 314 1.95 -14.66 32.02
C LYS A 314 1.57 -16.12 32.15
N VAL A 315 1.63 -16.85 31.04
CA VAL A 315 1.33 -18.28 31.06
C VAL A 315 2.45 -19.04 30.37
N GLU A 316 2.94 -20.08 31.04
CA GLU A 316 3.98 -20.92 30.47
C GLU A 316 3.34 -22.18 29.94
N VAL A 317 3.64 -22.54 28.68
CA VAL A 317 3.10 -23.76 28.09
C VAL A 317 4.19 -24.79 27.80
N LEU A 318 5.44 -24.42 28.07
CA LEU A 318 6.57 -25.31 27.90
C LEU A 318 7.68 -24.84 28.83
N ASN A 319 8.13 -25.71 29.73
CA ASN A 319 9.17 -25.28 30.67
C ASN A 319 10.55 -25.21 30.02
N ASN A 320 11.48 -24.53 30.69
CA ASN A 320 12.79 -24.24 30.11
C ASN A 320 13.73 -25.44 30.06
N LYS A 321 13.26 -26.61 30.49
CA LYS A 321 14.04 -27.82 30.38
C LYS A 321 13.75 -28.55 29.08
N ASN A 322 12.93 -27.94 28.24
CA ASN A 322 12.49 -28.56 27.00
C ASN A 322 12.64 -27.66 25.78
N TRP A 323 12.90 -28.27 24.63
CA TRP A 323 13.18 -27.51 23.41
C TRP A 323 11.93 -26.95 22.77
N SER A 324 12.01 -25.68 22.38
CA SER A 324 10.94 -25.05 21.62
C SER A 324 11.43 -24.76 20.20
N GLY A 325 11.17 -23.57 19.69
CA GLY A 325 11.41 -23.29 18.28
C GLY A 325 10.50 -22.17 17.80
N TYR A 326 10.07 -22.25 16.55
CA TYR A 326 9.18 -21.26 15.95
C TYR A 326 7.83 -21.21 16.64
N SER A 327 7.17 -20.06 16.58
CA SER A 327 5.78 -19.95 16.97
C SER A 327 5.08 -19.02 16.00
N GLY A 328 3.76 -19.15 15.88
CA GLY A 328 3.05 -18.37 14.88
C GLY A 328 1.58 -18.18 15.19
N ALA A 329 0.98 -17.19 14.55
CA ALA A 329 -0.39 -16.79 14.81
C ALA A 329 -1.33 -17.21 13.69
N PHE A 330 -2.57 -17.50 14.07
CA PHE A 330 -3.66 -17.68 13.12
C PHE A 330 -4.96 -17.33 13.83
N THR A 331 -6.07 -17.30 13.08
CA THR A 331 -7.37 -16.98 13.66
C THR A 331 -8.40 -18.01 13.25
N ILE A 332 -9.45 -18.13 14.06
CA ILE A 332 -10.59 -18.97 13.71
C ILE A 332 -11.72 -18.09 13.20
N PRO A 333 -12.21 -18.39 12.00
CA PRO A 333 -13.26 -17.57 11.38
C PRO A 333 -14.63 -17.72 12.06
N ILE A 334 -15.49 -16.73 11.82
CA ILE A 334 -16.83 -16.68 12.40
C ILE A 334 -17.67 -17.91 12.09
N THR A 335 -17.36 -18.59 10.98
CA THR A 335 -18.14 -19.73 10.54
C THR A 335 -18.01 -20.94 11.46
N MET A 336 -16.94 -20.97 12.26
CA MET A 336 -16.74 -22.09 13.18
C MET A 336 -17.10 -21.72 14.62
N THR A 337 -17.23 -20.43 14.89
CA THR A 337 -17.41 -19.98 16.27
C THR A 337 -18.76 -19.32 16.52
N SER A 338 -19.39 -18.83 15.46
CA SER A 338 -20.62 -18.05 15.58
C SER A 338 -20.44 -16.79 16.42
N LYS A 339 -19.18 -16.37 16.63
CA LYS A 339 -18.90 -15.15 17.39
C LYS A 339 -18.94 -13.93 16.48
N GLN A 340 -18.76 -12.75 17.05
CA GLN A 340 -18.73 -11.51 16.29
C GLN A 340 -17.30 -11.02 16.17
N CYS A 341 -16.36 -11.84 16.62
CA CYS A 341 -14.96 -11.49 16.57
C CYS A 341 -14.11 -12.70 16.17
N LEU A 342 -12.89 -12.45 15.73
CA LEU A 342 -12.00 -13.51 15.28
C LEU A 342 -11.17 -14.02 16.45
N VAL A 343 -11.17 -15.33 16.66
CA VAL A 343 -10.45 -15.92 17.79
C VAL A 343 -8.96 -16.05 17.49
N PRO A 344 -8.12 -15.42 18.33
CA PRO A 344 -6.67 -15.55 18.15
C PRO A 344 -6.14 -16.88 18.67
N CYS A 345 -5.33 -17.56 17.87
CA CYS A 345 -4.68 -18.81 18.27
C CYS A 345 -3.20 -18.76 17.91
N PHE A 346 -2.40 -19.58 18.57
CA PHE A 346 -1.01 -19.71 18.16
C PHE A 346 -0.58 -21.16 18.18
N TRP A 347 0.47 -21.47 17.43
CA TRP A 347 1.07 -22.79 17.49
C TRP A 347 2.52 -22.63 17.94
N LEU A 348 3.07 -23.71 18.46
CA LEU A 348 4.42 -23.75 18.95
C LEU A 348 5.15 -24.94 18.34
N GLU A 349 6.30 -24.67 17.73
CA GLU A 349 7.18 -25.71 17.20
C GLU A 349 8.20 -26.15 18.25
N MET A 350 8.35 -27.46 18.43
CA MET A 350 9.33 -27.98 19.36
C MET A 350 10.36 -28.82 18.60
N ILE A 351 11.57 -28.27 18.48
CA ILE A 351 12.60 -28.84 17.63
C ILE A 351 13.43 -29.88 18.37
N ARG A 352 13.64 -31.03 17.75
CA ARG A 352 14.48 -32.08 18.31
C ARG A 352 15.61 -32.39 17.34
N GLY A 353 16.75 -32.82 17.87
CA GLY A 353 17.89 -33.14 17.03
C GLY A 353 18.86 -31.98 16.94
N LYS A 354 19.53 -31.84 15.80
CA LYS A 354 20.53 -30.78 15.65
C LYS A 354 19.86 -29.39 15.62
N PRO A 355 20.57 -28.37 16.10
CA PRO A 355 21.95 -28.44 16.60
C PRO A 355 22.08 -28.71 18.09
N GLU A 356 20.99 -28.65 18.85
CA GLU A 356 21.11 -28.75 20.31
C GLU A 356 21.41 -30.18 20.76
N GLU A 357 20.93 -31.15 20.01
CA GLU A 357 21.12 -32.55 20.38
C GLU A 357 22.02 -33.21 19.37
N ARG A 358 23.33 -33.08 19.61
CA ARG A 358 24.33 -33.41 18.61
C ARG A 358 24.52 -34.91 18.37
N THR A 359 24.00 -35.74 19.26
CA THR A 359 24.11 -37.19 19.08
C THR A 359 23.06 -37.73 18.11
N SER A 360 22.21 -36.85 17.58
CA SER A 360 21.28 -37.24 16.53
C SER A 360 21.74 -36.72 15.18
N ILE A 361 21.50 -37.50 14.12
CA ILE A 361 21.95 -37.12 12.79
C ILE A 361 20.94 -36.23 12.08
N TRP A 362 19.76 -36.06 12.68
CA TRP A 362 18.63 -35.43 12.05
C TRP A 362 18.09 -34.24 12.85
N THR A 363 17.15 -33.51 12.24
CA THR A 363 16.43 -32.44 12.90
C THR A 363 14.97 -32.55 12.47
N SER A 364 14.05 -32.57 13.43
CA SER A 364 12.63 -32.47 13.11
C SER A 364 11.94 -31.67 14.18
N SER A 365 10.63 -31.54 14.09
CA SER A 365 9.89 -30.86 15.14
C SER A 365 8.49 -31.43 15.28
N SER A 366 7.87 -31.17 16.42
CA SER A 366 6.45 -31.48 16.61
C SER A 366 5.80 -30.21 17.11
N SER A 367 4.49 -30.23 17.34
CA SER A 367 3.81 -29.00 17.66
C SER A 367 2.76 -29.12 18.76
N THR A 368 2.48 -27.99 19.39
CA THR A 368 1.29 -27.82 20.19
C THR A 368 0.57 -26.58 19.67
N VAL A 369 -0.74 -26.54 19.90
CA VAL A 369 -1.56 -25.45 19.39
C VAL A 369 -2.48 -24.97 20.50
N PHE A 370 -2.67 -23.65 20.61
CA PHE A 370 -3.44 -23.05 21.70
C PHE A 370 -4.37 -21.97 21.14
N CYS A 371 -5.57 -21.86 21.72
CA CYS A 371 -6.48 -20.80 21.29
C CYS A 371 -6.95 -19.93 22.45
N GLY A 372 -7.15 -18.65 22.15
CA GLY A 372 -7.58 -17.69 23.14
C GLY A 372 -9.00 -17.92 23.60
N VAL A 373 -9.23 -17.76 24.91
CA VAL A 373 -10.56 -17.90 25.50
C VAL A 373 -10.81 -16.72 26.43
N SER A 374 -12.05 -16.54 26.87
N SER A 374 -12.06 -16.57 26.87
CA SER A 374 -12.43 -15.33 27.60
CA SER A 374 -12.50 -15.39 27.61
C SER A 374 -12.01 -15.35 29.07
C SER A 374 -12.18 -15.43 29.10
N SER A 375 -11.50 -16.48 29.52
CA SER A 375 -11.11 -16.62 30.93
C SER A 375 -9.65 -17.04 31.08
N GLU A 376 -9.12 -16.86 32.28
CA GLU A 376 -7.76 -17.29 32.55
C GLU A 376 -7.65 -18.81 32.53
N VAL A 377 -6.54 -19.30 31.99
CA VAL A 377 -6.32 -20.73 31.85
C VAL A 377 -4.94 -21.06 32.39
N PRO A 378 -4.83 -22.12 33.20
CA PRO A 378 -3.52 -22.50 33.76
C PRO A 378 -2.57 -22.95 32.66
N GLY A 379 -1.27 -22.84 32.91
CA GLY A 379 -0.28 -23.38 32.02
C GLY A 379 0.11 -24.79 32.43
N TRP A 380 1.03 -25.38 31.68
CA TRP A 380 1.64 -26.65 32.02
C TRP A 380 2.87 -26.75 31.14
N SER A 381 3.40 -27.95 30.97
CA SER A 381 4.50 -28.14 30.04
C SER A 381 4.19 -29.32 29.14
N TRP A 382 3.73 -29.02 27.93
CA TRP A 382 3.44 -30.05 26.95
C TRP A 382 4.61 -30.16 26.00
N ASP A 383 5.64 -30.91 26.41
CA ASP A 383 6.86 -31.01 25.63
C ASP A 383 6.75 -32.04 24.50
N ASP A 384 7.69 -31.99 23.56
CA ASP A 384 7.69 -32.92 22.44
C ASP A 384 7.55 -34.35 22.93
N GLY A 385 8.42 -34.75 23.85
CA GLY A 385 8.27 -36.02 24.52
C GLY A 385 9.02 -37.19 23.93
N ALA A 386 9.70 -36.99 22.81
CA ALA A 386 10.47 -38.06 22.20
C ALA A 386 11.74 -38.37 23.00
N ILE A 387 12.11 -39.65 23.01
CA ILE A 387 13.30 -40.11 23.70
C ILE A 387 14.43 -40.31 22.69
N LEU A 388 15.40 -39.41 22.73
CA LEU A 388 16.55 -39.47 21.83
C LEU A 388 17.77 -40.01 22.56
N PRO A 389 18.75 -40.56 21.81
CA PRO A 389 18.77 -40.69 20.35
C PRO A 389 17.79 -41.74 19.85
N PHE A 390 17.53 -41.74 18.55
CA PHE A 390 16.67 -42.73 17.91
C PHE A 390 17.51 -43.88 17.35
N ASP A 391 16.83 -44.94 16.89
CA ASP A 391 17.50 -46.10 16.30
C ASP A 391 18.53 -45.70 15.24
N ILE A 392 18.13 -44.79 14.34
CA ILE A 392 18.94 -44.43 13.19
C ILE A 392 20.23 -43.72 13.63
N ASP A 393 20.24 -43.20 14.86
CA ASP A 393 21.38 -42.45 15.36
C ASP A 393 22.48 -43.36 15.87
N LYS A 394 22.17 -44.65 15.98
CA LYS A 394 23.13 -45.63 16.46
C LYS A 394 23.49 -46.65 15.39
N PRO B 1 -19.60 43.43 -9.46
CA PRO B 1 -19.30 42.00 -9.37
C PRO B 1 -20.52 41.14 -9.72
N GLU B 2 -20.43 40.41 -10.82
CA GLU B 2 -21.50 39.51 -11.24
C GLU B 2 -20.95 38.11 -11.44
N PHE B 3 -21.84 37.11 -11.41
CA PHE B 3 -21.40 35.75 -11.65
C PHE B 3 -20.95 35.57 -13.09
N LEU B 4 -19.90 34.79 -13.30
CA LEU B 4 -19.47 34.43 -14.65
C LEU B 4 -20.44 33.42 -15.24
N ASN B 5 -20.94 33.69 -16.44
CA ASN B 5 -21.74 32.69 -17.12
C ASN B 5 -20.95 31.41 -17.35
N ASN B 6 -19.80 31.54 -18.02
CA ASN B 6 -18.96 30.40 -18.37
C ASN B 6 -19.73 29.30 -19.10
N THR B 7 -20.70 29.70 -19.91
CA THR B 7 -21.50 28.74 -20.66
C THR B 7 -21.12 28.71 -22.14
N GLU B 8 -20.04 29.41 -22.47
CA GLU B 8 -19.58 29.49 -23.86
C GLU B 8 -18.93 28.17 -24.29
N PRO B 9 -18.81 27.96 -25.62
CA PRO B 9 -18.07 26.80 -26.11
C PRO B 9 -16.58 26.94 -25.78
N LEU B 10 -15.89 25.82 -25.59
CA LEU B 10 -14.44 25.85 -25.46
C LEU B 10 -13.85 26.19 -26.83
N CYS B 11 -12.83 27.04 -26.87
CA CYS B 11 -12.17 27.39 -28.12
C CYS B 11 -11.51 26.16 -28.74
N ASN B 12 -11.53 26.09 -30.07
CA ASN B 12 -10.65 25.17 -30.77
C ASN B 12 -9.29 25.84 -30.91
N VAL B 13 -8.23 25.11 -30.55
CA VAL B 13 -6.87 25.65 -30.60
C VAL B 13 -5.94 24.74 -31.39
N SER B 14 -4.91 25.33 -32.01
CA SER B 14 -3.99 24.57 -32.85
C SER B 14 -2.60 24.44 -32.23
N GLY B 15 -2.41 25.05 -31.06
CA GLY B 15 -1.13 24.98 -30.40
C GLY B 15 -1.20 25.55 -29.00
N PHE B 16 -0.12 25.38 -28.24
CA PHE B 16 -0.09 25.85 -26.86
C PHE B 16 1.17 26.67 -26.61
N ALA B 17 0.97 27.89 -26.10
CA ALA B 17 2.05 28.83 -25.87
C ALA B 17 2.36 28.91 -24.38
N ILE B 18 3.63 28.99 -24.02
CA ILE B 18 3.98 29.08 -22.61
C ILE B 18 3.57 30.42 -22.02
N VAL B 19 2.93 30.36 -20.86
CA VAL B 19 2.41 31.55 -20.18
C VAL B 19 3.27 31.90 -18.98
N SER B 20 3.70 30.89 -18.24
CA SER B 20 4.48 31.16 -17.04
C SER B 20 5.35 29.98 -16.63
N LYS B 21 6.35 30.28 -15.80
CA LYS B 21 7.21 29.27 -15.22
C LYS B 21 7.68 29.86 -13.90
N ASP B 22 7.47 29.16 -12.79
CA ASP B 22 7.73 29.80 -11.49
C ASP B 22 9.15 29.60 -10.98
N ASN B 23 9.87 28.60 -11.49
CA ASN B 23 11.24 28.35 -11.06
C ASN B 23 11.38 28.25 -9.54
N GLY B 24 10.35 27.73 -8.89
CA GLY B 24 10.27 27.78 -7.44
C GLY B 24 11.39 27.06 -6.72
N ILE B 25 11.80 25.91 -7.23
CA ILE B 25 12.81 25.11 -6.55
C ILE B 25 14.21 25.74 -6.72
N ARG B 26 14.50 26.22 -7.91
CA ARG B 26 15.75 26.96 -8.14
C ARG B 26 15.84 28.14 -7.18
N ILE B 27 14.76 28.90 -7.08
CA ILE B 27 14.72 30.05 -6.20
C ILE B 27 14.88 29.62 -4.75
N GLY B 28 14.23 28.52 -4.39
CA GLY B 28 14.20 28.03 -3.03
C GLY B 28 15.50 27.42 -2.55
N SER B 29 16.49 27.35 -3.44
CA SER B 29 17.82 26.93 -3.04
C SER B 29 18.38 27.95 -2.02
N ARG B 30 17.95 29.19 -2.16
CA ARG B 30 18.39 30.27 -1.26
C ARG B 30 17.23 31.07 -0.67
N GLY B 31 16.20 31.32 -1.48
CA GLY B 31 15.05 32.06 -1.01
C GLY B 31 14.16 31.24 -0.10
N HIS B 32 13.12 31.86 0.42
CA HIS B 32 12.21 31.19 1.34
C HIS B 32 10.96 30.75 0.62
N VAL B 33 10.97 29.49 0.19
CA VAL B 33 9.95 28.95 -0.70
C VAL B 33 9.39 27.68 -0.09
N PHE B 34 8.06 27.55 -0.06
CA PHE B 34 7.46 26.35 0.48
C PHE B 34 7.86 25.10 -0.28
N VAL B 35 8.07 24.02 0.47
CA VAL B 35 8.00 22.68 -0.11
C VAL B 35 6.54 22.47 -0.47
N ILE B 36 6.27 22.10 -1.71
CA ILE B 36 4.89 21.89 -2.14
C ILE B 36 4.74 20.61 -2.94
N ARG B 37 3.50 20.30 -3.29
CA ARG B 37 3.23 19.45 -4.45
C ARG B 37 1.78 19.73 -4.85
N GLU B 38 1.31 19.07 -5.90
CA GLU B 38 -0.06 19.28 -6.38
C GLU B 38 -0.41 20.74 -6.65
N PRO B 39 0.41 21.44 -7.45
CA PRO B 39 0.07 22.81 -7.83
C PRO B 39 -1.06 22.79 -8.85
N PHE B 40 -1.80 23.88 -8.98
CA PHE B 40 -2.76 24.02 -10.08
C PHE B 40 -3.07 25.49 -10.31
N VAL B 41 -3.71 25.79 -11.44
CA VAL B 41 -4.06 27.17 -11.75
C VAL B 41 -5.57 27.31 -11.87
N ALA B 42 -6.09 28.42 -11.37
CA ALA B 42 -7.50 28.75 -11.56
C ALA B 42 -7.61 30.23 -11.86
N CYS B 43 -8.59 30.60 -12.67
CA CYS B 43 -8.75 32.00 -13.07
C CYS B 43 -10.06 32.60 -12.61
N GLY B 44 -9.98 33.83 -12.11
CA GLY B 44 -11.16 34.62 -11.83
C GLY B 44 -11.38 35.58 -12.97
N PRO B 45 -12.30 36.54 -12.80
CA PRO B 45 -12.64 37.50 -13.85
C PRO B 45 -11.46 38.36 -14.30
N THR B 46 -10.51 38.59 -13.39
CA THR B 46 -9.46 39.57 -13.66
C THR B 46 -8.04 39.06 -13.41
N GLU B 47 -7.93 37.88 -12.80
CA GLU B 47 -6.62 37.37 -12.43
C GLU B 47 -6.62 35.85 -12.42
N CYS B 48 -5.49 35.25 -12.82
CA CYS B 48 -5.26 33.83 -12.61
C CYS B 48 -4.26 33.67 -11.47
N ARG B 49 -4.45 32.64 -10.66
CA ARG B 49 -3.58 32.38 -9.54
C ARG B 49 -3.11 30.93 -9.54
N THR B 50 -1.89 30.72 -9.05
CA THR B 50 -1.39 29.37 -8.83
C THR B 50 -1.69 28.94 -7.40
N PHE B 51 -2.39 27.81 -7.26
CA PHE B 51 -2.67 27.20 -5.98
C PHE B 51 -1.70 26.05 -5.77
N PHE B 52 -1.47 25.68 -4.51
CA PHE B 52 -0.55 24.59 -4.22
C PHE B 52 -0.78 24.07 -2.81
N LEU B 53 -0.42 22.80 -2.60
CA LEU B 53 -0.46 22.23 -1.27
C LEU B 53 0.93 22.29 -0.65
N THR B 54 1.11 23.14 0.35
CA THR B 54 2.40 23.20 1.03
C THR B 54 2.57 21.95 1.88
N GLN B 55 3.80 21.74 2.35
CA GLN B 55 4.07 20.77 3.40
C GLN B 55 4.32 21.48 4.74
N GLY B 56 3.92 22.76 4.83
CA GLY B 56 4.10 23.51 6.05
C GLY B 56 5.57 23.63 6.44
N ALA B 57 6.42 23.67 5.42
CA ALA B 57 7.86 23.72 5.62
C ALA B 57 8.51 24.35 4.40
N LEU B 58 9.71 24.87 4.56
CA LEU B 58 10.43 25.52 3.48
C LEU B 58 11.53 24.65 2.91
N LEU B 59 11.84 24.87 1.63
CA LEU B 59 12.95 24.20 0.97
C LEU B 59 14.28 24.48 1.67
N ASN B 60 15.14 23.47 1.70
CA ASN B 60 16.46 23.58 2.32
C ASN B 60 16.42 23.72 3.84
N ASP B 61 15.29 23.36 4.43
CA ASP B 61 15.15 23.33 5.87
C ASP B 61 14.90 21.90 6.35
N LYS B 62 15.25 21.62 7.59
CA LYS B 62 15.11 20.26 8.12
C LYS B 62 13.67 19.76 8.13
N HIS B 63 12.72 20.70 8.17
CA HIS B 63 11.31 20.30 8.18
C HIS B 63 10.85 19.78 6.82
N SER B 64 11.72 19.90 5.82
CA SER B 64 11.43 19.35 4.50
C SER B 64 11.70 17.84 4.47
N ASN B 65 12.28 17.32 5.55
CA ASN B 65 12.56 15.89 5.65
C ASN B 65 11.27 15.09 5.53
N ASN B 66 11.30 14.01 4.76
CA ASN B 66 10.15 13.11 4.62
C ASN B 66 8.93 13.71 3.93
N THR B 67 9.13 14.74 3.13
CA THR B 67 8.00 15.38 2.44
C THR B 67 7.51 14.61 1.21
N VAL B 68 8.07 13.43 0.96
CA VAL B 68 7.46 12.55 -0.04
C VAL B 68 6.07 12.13 0.47
N LYS B 69 5.87 12.20 1.78
CA LYS B 69 4.61 11.78 2.39
C LYS B 69 3.43 12.64 1.95
N ASP B 70 2.31 12.01 1.66
CA ASP B 70 1.18 12.70 1.03
C ASP B 70 0.32 13.53 1.96
N ARG B 71 0.14 13.06 3.19
CA ARG B 71 -0.84 13.70 4.08
C ARG B 71 -0.28 13.96 5.47
N SER B 72 -0.55 15.14 5.99
CA SER B 72 -0.16 15.50 7.35
C SER B 72 -1.03 16.67 7.82
N PRO B 73 -0.97 16.98 9.12
CA PRO B 73 -1.73 18.13 9.63
C PRO B 73 -1.11 19.46 9.23
N TYR B 74 0.06 19.43 8.60
CA TYR B 74 0.81 20.66 8.32
C TYR B 74 0.63 21.16 6.90
N ARG B 75 -0.03 20.37 6.08
CA ARG B 75 -0.26 20.77 4.69
C ARG B 75 -1.40 21.79 4.60
N ALA B 76 -1.21 22.80 3.77
CA ALA B 76 -2.21 23.83 3.57
C ALA B 76 -2.34 24.17 2.10
N LEU B 77 -3.55 24.50 1.69
CA LEU B 77 -3.77 25.08 0.37
C LEU B 77 -3.47 26.57 0.45
N MET B 78 -2.58 27.04 -0.41
CA MET B 78 -2.28 28.47 -0.50
C MET B 78 -2.21 28.88 -1.96
N SER B 79 -2.13 30.18 -2.22
CA SER B 79 -2.03 30.63 -3.61
C SER B 79 -1.11 31.84 -3.77
N VAL B 80 -0.60 32.01 -4.98
CA VAL B 80 0.17 33.21 -5.35
C VAL B 80 -0.27 33.64 -6.74
N PRO B 81 0.08 34.86 -7.15
CA PRO B 81 -0.24 35.26 -8.52
C PRO B 81 0.47 34.33 -9.52
N LEU B 82 -0.14 34.13 -10.68
CA LEU B 82 0.41 33.23 -11.68
C LEU B 82 1.85 33.61 -12.04
N GLY B 83 2.77 32.65 -11.91
CA GLY B 83 4.16 32.89 -12.27
C GLY B 83 5.07 33.12 -11.07
N SER B 84 4.47 33.46 -9.93
CA SER B 84 5.25 33.66 -8.71
C SER B 84 5.67 32.32 -8.11
N SER B 85 6.80 32.32 -7.42
CA SER B 85 7.20 31.14 -6.65
C SER B 85 6.23 31.00 -5.49
N PRO B 86 6.03 29.77 -5.00
CA PRO B 86 5.15 29.57 -3.83
C PRO B 86 5.91 29.93 -2.56
N ASN B 87 6.21 31.20 -2.39
CA ASN B 87 7.12 31.62 -1.34
C ASN B 87 6.44 32.06 -0.05
N ALA B 88 7.25 32.18 1.01
CA ALA B 88 6.73 32.38 2.35
C ALA B 88 6.05 33.73 2.58
N TYR B 89 6.31 34.69 1.70
CA TYR B 89 5.88 36.07 1.98
C TYR B 89 4.80 36.59 1.05
N GLN B 90 4.64 35.94 -0.11
CA GLN B 90 3.56 36.27 -1.04
C GLN B 90 2.38 35.31 -0.92
N ALA B 91 2.62 34.12 -0.37
CA ALA B 91 1.58 33.10 -0.30
C ALA B 91 0.34 33.58 0.46
N LYS B 92 -0.82 33.36 -0.13
CA LYS B 92 -2.08 33.64 0.52
C LYS B 92 -2.69 32.35 1.05
N PHE B 93 -2.98 32.30 2.35
CA PHE B 93 -3.57 31.11 2.93
C PHE B 93 -5.00 30.93 2.44
N GLU B 94 -5.32 29.72 1.97
CA GLU B 94 -6.66 29.41 1.46
C GLU B 94 -7.43 28.42 2.34
N SER B 95 -6.80 27.32 2.73
CA SER B 95 -7.46 26.29 3.52
C SER B 95 -6.45 25.34 4.13
N VAL B 96 -6.77 24.72 5.26
CA VAL B 96 -6.01 23.55 5.70
C VAL B 96 -6.35 22.46 4.68
N ALA B 97 -5.36 21.72 4.19
CA ALA B 97 -5.64 20.79 3.09
C ALA B 97 -4.47 19.89 2.74
N TRP B 98 -4.74 18.59 2.62
CA TRP B 98 -3.84 17.69 1.91
C TRP B 98 -4.43 17.19 0.58
N SER B 99 -5.62 17.69 0.25
CA SER B 99 -6.23 17.51 -1.06
C SER B 99 -7.16 18.69 -1.27
N ALA B 100 -7.26 19.20 -2.50
CA ALA B 100 -7.97 20.47 -2.70
C ALA B 100 -8.48 20.70 -4.11
N THR B 101 -9.41 21.66 -4.22
CA THR B 101 -9.82 22.22 -5.50
C THR B 101 -10.19 23.69 -5.21
N ALA B 102 -10.12 24.54 -6.23
CA ALA B 102 -10.51 25.93 -6.07
C ALA B 102 -10.93 26.52 -7.41
N CYS B 103 -11.75 27.56 -7.36
CA CYS B 103 -12.24 28.22 -8.56
C CYS B 103 -12.94 29.51 -8.17
N HIS B 104 -13.27 30.33 -9.16
CA HIS B 104 -13.86 31.63 -8.90
C HIS B 104 -15.18 31.71 -9.63
N ASP B 105 -16.23 32.19 -8.95
CA ASP B 105 -17.56 32.19 -9.57
C ASP B 105 -17.90 33.52 -10.24
N GLY B 106 -16.95 34.46 -10.24
CA GLY B 106 -17.17 35.77 -10.79
C GLY B 106 -17.27 36.82 -9.69
N LYS B 107 -17.73 36.40 -8.51
CA LYS B 107 -17.84 37.28 -7.37
C LYS B 107 -16.74 37.02 -6.33
N LYS B 108 -16.55 35.74 -5.98
CA LYS B 108 -15.59 35.37 -4.94
C LYS B 108 -14.83 34.08 -5.26
N TRP B 109 -13.68 33.91 -4.61
CA TRP B 109 -12.95 32.65 -4.69
C TRP B 109 -13.63 31.58 -3.84
N LEU B 110 -13.73 30.38 -4.42
CA LEU B 110 -14.17 29.20 -3.69
C LEU B 110 -12.97 28.28 -3.53
N ALA B 111 -12.70 27.86 -2.30
CA ALA B 111 -11.63 26.91 -2.04
C ALA B 111 -12.17 25.75 -1.22
N VAL B 112 -11.88 24.54 -1.66
CA VAL B 112 -12.31 23.33 -0.96
C VAL B 112 -11.07 22.58 -0.52
N GLY B 113 -10.89 22.45 0.80
CA GLY B 113 -9.68 21.84 1.33
C GLY B 113 -10.01 20.70 2.28
N ILE B 114 -9.40 19.54 2.04
CA ILE B 114 -9.66 18.35 2.85
C ILE B 114 -8.52 18.11 3.82
N SER B 115 -8.85 17.92 5.09
CA SER B 115 -7.86 17.54 6.09
C SER B 115 -8.49 16.54 7.05
N GLY B 116 -7.78 16.20 8.13
CA GLY B 116 -8.25 15.18 9.04
C GLY B 116 -7.59 13.83 8.83
N ALA B 117 -8.01 12.85 9.64
CA ALA B 117 -7.47 11.49 9.55
C ALA B 117 -7.94 10.78 8.28
N ASP B 118 -7.15 9.83 7.82
CA ASP B 118 -7.51 9.04 6.63
C ASP B 118 -8.89 8.42 6.76
N ASP B 119 -9.25 7.98 7.97
CA ASP B 119 -10.51 7.28 8.15
C ASP B 119 -11.68 8.16 8.58
N ASP B 120 -11.47 9.47 8.59
CA ASP B 120 -12.53 10.41 8.98
C ASP B 120 -12.19 11.83 8.56
N ALA B 121 -11.77 11.98 7.31
CA ALA B 121 -11.39 13.27 6.78
C ALA B 121 -12.63 14.09 6.46
N TYR B 122 -12.47 15.40 6.33
CA TYR B 122 -13.55 16.24 5.86
C TYR B 122 -13.06 17.44 5.08
N ALA B 123 -13.86 17.86 4.11
CA ALA B 123 -13.55 19.07 3.34
C ALA B 123 -14.19 20.26 4.02
N VAL B 124 -13.44 21.36 4.06
CA VAL B 124 -14.00 22.63 4.50
C VAL B 124 -14.10 23.51 3.28
N ILE B 125 -15.27 24.09 3.07
CA ILE B 125 -15.49 24.95 1.93
C ILE B 125 -15.32 26.40 2.39
N HIS B 126 -14.40 27.10 1.74
CA HIS B 126 -14.11 28.49 2.04
C HIS B 126 -14.65 29.32 0.89
N TYR B 127 -15.45 30.34 1.19
CA TYR B 127 -15.99 31.17 0.14
C TYR B 127 -15.76 32.63 0.48
N GLY B 128 -14.97 33.30 -0.35
CA GLY B 128 -14.57 34.66 -0.05
C GLY B 128 -13.78 34.70 1.25
N GLY B 129 -13.11 33.60 1.55
CA GLY B 129 -12.24 33.53 2.71
C GLY B 129 -12.94 33.12 4.00
N MET B 130 -14.24 32.91 3.94
CA MET B 130 -15.00 32.48 5.11
C MET B 130 -15.40 31.03 4.98
N PRO B 131 -15.25 30.26 6.06
CA PRO B 131 -15.69 28.85 6.04
C PRO B 131 -17.21 28.79 5.99
N THR B 132 -17.76 28.24 4.91
CA THR B 132 -19.21 28.26 4.71
C THR B 132 -19.90 26.91 4.91
N ASP B 133 -19.20 25.81 4.63
CA ASP B 133 -19.83 24.50 4.69
C ASP B 133 -18.77 23.42 4.85
N VAL B 134 -19.21 22.20 5.10
CA VAL B 134 -18.31 21.06 5.21
C VAL B 134 -18.86 19.87 4.44
N VAL B 135 -17.96 19.02 3.96
CA VAL B 135 -18.36 17.74 3.39
C VAL B 135 -17.60 16.64 4.11
N ARG B 136 -18.32 15.73 4.75
CA ARG B 136 -17.68 14.64 5.45
C ARG B 136 -17.37 13.46 4.55
N SER B 137 -16.35 12.70 4.91
CA SER B 137 -16.04 11.45 4.24
C SER B 137 -17.22 10.51 4.39
N TRP B 138 -17.67 9.93 3.28
CA TRP B 138 -18.83 9.03 3.30
C TRP B 138 -18.43 7.56 3.23
N ARG B 139 -17.17 7.29 2.90
CA ARG B 139 -16.67 5.91 2.88
C ARG B 139 -15.55 5.70 3.91
N LYS B 140 -15.16 6.78 4.58
CA LYS B 140 -14.13 6.71 5.62
C LYS B 140 -12.80 6.17 5.10
N GLN B 141 -12.44 6.55 3.87
CA GLN B 141 -11.23 6.03 3.26
C GLN B 141 -10.54 7.06 2.34
N ILE B 142 -9.86 8.01 2.97
CA ILE B 142 -9.13 9.08 2.27
C ILE B 142 -10.00 9.86 1.28
N LEU B 143 -11.01 10.55 1.82
CA LEU B 143 -11.76 11.51 1.03
C LEU B 143 -10.78 12.41 0.27
N ARG B 144 -10.99 12.56 -1.03
CA ARG B 144 -10.01 13.28 -1.84
C ARG B 144 -10.66 13.90 -3.06
N THR B 145 -10.00 14.91 -3.64
CA THR B 145 -10.62 15.63 -4.74
C THR B 145 -9.63 15.92 -5.88
N GLN B 146 -9.91 16.98 -6.66
CA GLN B 146 -9.31 17.11 -7.99
C GLN B 146 -7.81 17.45 -8.04
N GLU B 147 -7.35 18.25 -7.09
CA GLU B 147 -6.02 18.87 -7.17
C GLU B 147 -5.90 19.73 -8.44
N SER B 148 -7.03 20.29 -8.88
CA SER B 148 -7.03 21.26 -9.96
C SER B 148 -8.29 22.12 -9.86
N SER B 149 -8.44 23.07 -10.78
N SER B 149 -8.44 23.07 -10.78
CA SER B 149 -9.53 24.02 -10.71
CA SER B 149 -9.54 24.02 -10.73
C SER B 149 -10.91 23.36 -10.81
C SER B 149 -10.91 23.37 -10.82
N CYS B 150 -11.84 23.81 -9.98
CA CYS B 150 -13.22 23.40 -10.12
C CYS B 150 -13.85 24.26 -11.22
N VAL B 151 -15.15 24.09 -11.45
CA VAL B 151 -15.82 24.78 -12.55
C VAL B 151 -17.04 25.51 -12.04
N CYS B 152 -17.14 26.81 -12.36
CA CYS B 152 -18.30 27.61 -11.98
C CYS B 152 -19.02 28.09 -13.23
N MET B 153 -20.33 27.89 -13.25
CA MET B 153 -21.18 28.41 -14.31
C MET B 153 -22.43 28.99 -13.69
N ASN B 154 -22.78 30.21 -14.12
CA ASN B 154 -24.03 30.84 -13.69
C ASN B 154 -24.17 30.93 -12.17
N GLY B 155 -23.04 31.03 -11.47
CA GLY B 155 -23.06 31.19 -10.02
C GLY B 155 -23.03 29.89 -9.23
N ASN B 156 -23.03 28.77 -9.93
CA ASN B 156 -22.88 27.46 -9.27
C ASN B 156 -21.51 26.89 -9.56
N CYS B 157 -20.90 26.28 -8.55
CA CYS B 157 -19.58 25.69 -8.72
C CYS B 157 -19.63 24.18 -8.48
N TYR B 158 -18.88 23.44 -9.29
CA TYR B 158 -18.97 21.99 -9.33
C TYR B 158 -17.60 21.36 -9.17
N TRP B 159 -17.53 20.24 -8.46
CA TRP B 159 -16.28 19.49 -8.38
C TRP B 159 -16.55 18.02 -8.11
N VAL B 160 -15.52 17.19 -8.30
CA VAL B 160 -15.65 15.75 -8.16
C VAL B 160 -14.81 15.27 -6.99
N MET B 161 -15.37 14.38 -6.18
CA MET B 161 -14.64 13.82 -5.05
C MET B 161 -14.70 12.29 -5.10
N THR B 162 -13.71 11.65 -4.49
CA THR B 162 -13.63 10.20 -4.39
C THR B 162 -13.39 9.79 -2.95
N ASP B 163 -13.95 8.66 -2.55
CA ASP B 163 -13.75 8.13 -1.21
C ASP B 163 -13.74 6.60 -1.34
N GLY B 164 -12.77 5.95 -0.72
CA GLY B 164 -12.62 4.51 -0.89
C GLY B 164 -11.23 4.12 -1.35
N PRO B 165 -11.04 2.83 -1.67
CA PRO B 165 -9.71 2.30 -2.00
C PRO B 165 -9.02 2.99 -3.17
N ALA B 166 -7.70 3.07 -3.08
CA ALA B 166 -6.87 3.65 -4.13
C ALA B 166 -6.65 2.66 -5.27
N ASN B 167 -6.76 1.36 -4.98
CA ASN B 167 -6.39 0.33 -5.94
C ASN B 167 -7.48 -0.71 -6.19
N SER B 168 -8.73 -0.33 -5.94
CA SER B 168 -9.86 -1.19 -6.26
C SER B 168 -11.13 -0.34 -6.26
N GLN B 169 -12.28 -0.96 -6.45
CA GLN B 169 -13.52 -0.19 -6.59
C GLN B 169 -13.69 0.81 -5.45
N ALA B 170 -13.93 2.07 -5.82
CA ALA B 170 -14.21 3.10 -4.83
C ALA B 170 -15.52 3.80 -5.17
N SER B 171 -15.77 4.93 -4.50
CA SER B 171 -17.01 5.67 -4.70
C SER B 171 -16.71 7.07 -5.22
N TYR B 172 -17.45 7.50 -6.24
CA TYR B 172 -17.18 8.77 -6.93
C TYR B 172 -18.42 9.64 -6.93
N LYS B 173 -18.27 10.91 -6.52
CA LYS B 173 -19.41 11.81 -6.41
C LYS B 173 -19.13 13.19 -7.03
N ILE B 174 -20.17 13.74 -7.65
CA ILE B 174 -20.14 15.11 -8.16
C ILE B 174 -20.85 16.00 -7.15
N PHE B 175 -20.27 17.16 -6.89
CA PHE B 175 -20.85 18.11 -5.94
C PHE B 175 -21.20 19.42 -6.62
N LYS B 176 -22.30 20.02 -6.19
CA LYS B 176 -22.73 21.32 -6.67
C LYS B 176 -22.82 22.27 -5.49
N SER B 177 -22.40 23.51 -5.70
CA SER B 177 -22.47 24.52 -4.65
C SER B 177 -22.90 25.87 -5.18
N HIS B 178 -23.41 26.71 -4.28
CA HIS B 178 -23.75 28.09 -4.57
C HIS B 178 -23.37 28.93 -3.38
N GLU B 179 -22.51 29.93 -3.62
CA GLU B 179 -21.99 30.80 -2.58
C GLU B 179 -21.43 30.00 -1.39
N GLY B 180 -20.71 28.93 -1.71
CA GLY B 180 -19.98 28.18 -0.72
C GLY B 180 -20.81 27.15 0.02
N MET B 181 -22.09 27.04 -0.32
CA MET B 181 -22.94 26.03 0.29
C MET B 181 -23.15 24.87 -0.66
N VAL B 182 -22.97 23.64 -0.18
CA VAL B 182 -23.28 22.48 -0.99
C VAL B 182 -24.78 22.35 -1.17
N THR B 183 -25.22 22.33 -2.43
CA THR B 183 -26.66 22.32 -2.71
C THR B 183 -27.13 21.04 -3.38
N ASN B 184 -26.20 20.21 -3.82
CA ASN B 184 -26.55 18.92 -4.41
C ASN B 184 -25.33 18.03 -4.55
N GLU B 185 -25.59 16.72 -4.60
CA GLU B 185 -24.54 15.75 -4.90
C GLU B 185 -25.13 14.61 -5.70
N ARG B 186 -24.28 13.91 -6.45
CA ARG B 186 -24.73 12.78 -7.24
C ARG B 186 -23.62 11.73 -7.26
N GLU B 187 -23.93 10.51 -6.83
CA GLU B 187 -22.97 9.43 -6.94
C GLU B 187 -22.95 8.90 -8.37
N VAL B 188 -21.74 8.77 -8.91
CA VAL B 188 -21.54 8.30 -10.27
C VAL B 188 -21.36 6.78 -10.26
N SER B 189 -22.28 6.08 -10.92
CA SER B 189 -22.18 4.63 -11.02
C SER B 189 -21.16 4.24 -12.08
N PHE B 190 -20.11 3.53 -11.66
CA PHE B 190 -18.98 3.25 -12.53
C PHE B 190 -18.34 1.93 -12.09
N GLN B 191 -19.10 0.85 -12.18
CA GLN B 191 -18.60 -0.46 -11.77
C GLN B 191 -17.45 -0.91 -12.65
N GLY B 192 -16.33 -1.27 -12.01
CA GLY B 192 -15.14 -1.70 -12.72
C GLY B 192 -14.25 -0.54 -13.12
N GLY B 193 -14.74 0.68 -12.91
CA GLY B 193 -13.98 1.88 -13.22
C GLY B 193 -13.48 2.56 -11.96
N HIS B 194 -12.52 3.47 -12.14
CA HIS B 194 -11.92 4.18 -11.03
C HIS B 194 -11.68 5.62 -11.44
N ILE B 195 -12.13 6.56 -10.60
CA ILE B 195 -12.01 7.98 -10.88
C ILE B 195 -11.31 8.71 -9.75
N GLU B 196 -10.23 9.41 -10.09
CA GLU B 196 -9.52 10.27 -9.15
C GLU B 196 -8.99 11.50 -9.86
N GLU B 197 -8.81 12.57 -9.10
CA GLU B 197 -8.05 13.73 -9.56
C GLU B 197 -8.51 14.24 -10.92
N CYS B 198 -9.82 14.47 -11.05
CA CYS B 198 -10.36 14.92 -12.31
C CYS B 198 -9.86 16.30 -12.71
N SER B 199 -9.52 16.43 -13.98
CA SER B 199 -9.23 17.73 -14.58
C SER B 199 -10.48 18.13 -15.38
N CYS B 200 -11.17 19.16 -14.90
CA CYS B 200 -12.47 19.52 -15.45
C CYS B 200 -12.46 20.93 -16.03
N TYR B 201 -13.31 21.16 -17.02
CA TYR B 201 -13.44 22.49 -17.61
C TYR B 201 -14.87 22.65 -18.13
N PRO B 202 -15.32 23.90 -18.28
CA PRO B 202 -16.63 24.13 -18.87
C PRO B 202 -16.57 24.08 -20.40
N ASN B 203 -17.63 23.53 -21.01
CA ASN B 203 -17.74 23.48 -22.45
C ASN B 203 -19.21 23.50 -22.84
N LEU B 204 -19.66 24.61 -23.40
CA LEU B 204 -21.05 24.78 -23.81
C LEU B 204 -22.05 24.49 -22.69
N GLY B 205 -21.68 24.86 -21.47
CA GLY B 205 -22.60 24.77 -20.35
C GLY B 205 -22.60 23.43 -19.65
N LYS B 206 -21.76 22.52 -20.12
CA LYS B 206 -21.54 21.26 -19.44
C LYS B 206 -20.16 21.25 -18.81
N VAL B 207 -19.96 20.38 -17.83
CA VAL B 207 -18.63 20.18 -17.26
C VAL B 207 -18.05 18.91 -17.86
N GLU B 208 -16.88 19.03 -18.46
CA GLU B 208 -16.21 17.87 -19.02
C GLU B 208 -14.94 17.58 -18.23
N CYS B 209 -14.79 16.34 -17.77
CA CYS B 209 -13.67 15.95 -16.93
C CYS B 209 -12.87 14.79 -17.51
N VAL B 210 -11.55 14.90 -17.42
CA VAL B 210 -10.64 13.82 -17.78
C VAL B 210 -9.87 13.46 -16.51
N CYS B 211 -9.93 12.20 -16.11
CA CYS B 211 -9.48 11.83 -14.78
C CYS B 211 -8.39 10.75 -14.75
N ARG B 212 -8.13 10.25 -13.56
CA ARG B 212 -7.11 9.23 -13.34
C ARG B 212 -7.76 7.97 -12.82
N ASP B 213 -7.49 6.85 -13.47
CA ASP B 213 -7.94 5.55 -12.99
C ASP B 213 -6.73 4.91 -12.33
N ASN B 214 -6.81 4.66 -11.02
CA ASN B 214 -5.66 4.14 -10.27
C ASN B 214 -5.80 2.65 -9.99
N TRP B 215 -6.69 2.01 -10.74
CA TRP B 215 -7.04 0.61 -10.52
C TRP B 215 -6.64 -0.19 -11.76
N ASN B 216 -7.57 -0.44 -12.67
CA ASN B 216 -7.30 -1.31 -13.82
C ASN B 216 -7.16 -0.60 -15.18
N GLY B 217 -7.07 0.72 -15.17
CA GLY B 217 -7.04 1.47 -16.43
C GLY B 217 -5.80 2.28 -16.70
N MET B 218 -5.19 2.08 -17.86
CA MET B 218 -4.10 2.94 -18.32
C MET B 218 -4.67 3.96 -19.30
N ASN B 219 -5.95 3.81 -19.63
CA ASN B 219 -6.69 4.88 -20.29
C ASN B 219 -7.40 5.74 -19.23
N ARG B 220 -7.75 6.96 -19.60
CA ARG B 220 -8.31 7.93 -18.65
C ARG B 220 -9.83 7.95 -18.65
N PRO B 221 -10.44 7.90 -17.45
CA PRO B 221 -11.90 8.06 -17.41
C PRO B 221 -12.30 9.44 -17.92
N ILE B 222 -13.47 9.49 -18.55
CA ILE B 222 -14.10 10.75 -18.94
C ILE B 222 -15.44 10.84 -18.24
N LEU B 223 -15.68 11.98 -17.61
CA LEU B 223 -16.94 12.22 -16.91
C LEU B 223 -17.51 13.54 -17.38
N ILE B 224 -18.75 13.51 -17.85
CA ILE B 224 -19.40 14.71 -18.35
C ILE B 224 -20.74 14.88 -17.63
N PHE B 225 -20.99 16.08 -17.12
CA PHE B 225 -22.24 16.30 -16.40
C PHE B 225 -22.82 17.69 -16.60
N ASP B 226 -24.10 17.82 -16.30
CA ASP B 226 -24.80 19.09 -16.46
C ASP B 226 -25.25 19.68 -15.12
N GLU B 227 -25.97 20.80 -15.17
CA GLU B 227 -26.33 21.53 -13.96
C GLU B 227 -27.28 20.73 -13.04
N ASP B 228 -27.99 19.76 -13.61
CA ASP B 228 -28.87 18.89 -12.82
C ASP B 228 -28.11 17.69 -12.27
N LEU B 229 -26.80 17.67 -12.53
CA LEU B 229 -25.90 16.56 -12.16
C LEU B 229 -26.23 15.24 -12.86
N ASP B 230 -26.94 15.32 -13.98
CA ASP B 230 -27.06 14.17 -14.86
C ASP B 230 -25.71 14.01 -15.55
N TYR B 231 -25.28 12.77 -15.74
CA TYR B 231 -23.92 12.54 -16.21
C TYR B 231 -23.80 11.42 -17.24
N GLU B 232 -22.67 11.42 -17.93
CA GLU B 232 -22.22 10.29 -18.73
C GLU B 232 -20.82 9.96 -18.23
N VAL B 233 -20.50 8.69 -18.14
CA VAL B 233 -19.18 8.29 -17.68
C VAL B 233 -18.64 7.15 -18.54
N GLY B 234 -17.34 7.19 -18.80
CA GLY B 234 -16.69 6.19 -19.61
C GLY B 234 -15.20 6.43 -19.64
N TYR B 235 -14.55 6.05 -20.74
CA TYR B 235 -13.12 6.29 -20.91
C TYR B 235 -12.85 7.10 -22.17
N LEU B 236 -11.72 7.80 -22.19
CA LEU B 236 -11.30 8.51 -23.39
C LEU B 236 -11.17 7.50 -24.52
N CYS B 237 -11.94 7.68 -25.59
CA CYS B 237 -12.05 6.67 -26.64
C CYS B 237 -10.74 6.35 -27.34
N ALA B 238 -9.89 7.35 -27.48
CA ALA B 238 -8.67 7.24 -28.29
C ALA B 238 -7.90 5.94 -28.09
N GLY B 239 -7.37 5.40 -29.18
CA GLY B 239 -6.51 4.23 -29.15
C GLY B 239 -5.09 4.61 -28.79
N ILE B 240 -4.95 5.71 -28.07
CA ILE B 240 -3.67 6.18 -27.55
C ILE B 240 -3.83 6.30 -26.04
N PRO B 241 -3.07 5.50 -25.26
CA PRO B 241 -3.22 5.58 -23.81
C PRO B 241 -2.48 6.79 -23.25
N THR B 242 -3.05 7.47 -22.26
CA THR B 242 -2.42 8.70 -21.77
C THR B 242 -2.17 8.76 -20.27
N ASP B 243 -2.42 7.66 -19.56
CA ASP B 243 -2.03 7.57 -18.15
C ASP B 243 -0.56 7.16 -18.08
N THR B 244 -0.01 7.17 -16.86
CA THR B 244 1.32 6.63 -16.59
C THR B 244 1.23 5.90 -15.25
N PRO B 245 1.62 4.62 -15.21
CA PRO B 245 2.23 3.83 -16.29
C PRO B 245 1.24 3.37 -17.36
N ARG B 246 1.78 3.03 -18.53
CA ARG B 246 1.01 2.53 -19.64
C ARG B 246 1.92 1.63 -20.48
N VAL B 247 1.36 1.03 -21.54
CA VAL B 247 2.19 0.33 -22.51
C VAL B 247 2.42 1.21 -23.74
N GLN B 248 3.33 0.81 -24.61
CA GLN B 248 3.57 1.55 -25.85
C GLN B 248 2.29 1.56 -26.68
N ASP B 249 2.14 2.58 -27.52
CA ASP B 249 0.90 2.77 -28.27
C ASP B 249 0.52 1.53 -29.09
N SER B 250 1.51 0.92 -29.73
CA SER B 250 1.24 -0.22 -30.60
C SER B 250 0.76 -1.46 -29.85
N SER B 251 0.84 -1.45 -28.53
CA SER B 251 0.36 -2.57 -27.72
C SER B 251 -0.99 -2.28 -27.07
N PHE B 252 -1.61 -1.18 -27.48
CA PHE B 252 -2.84 -0.69 -26.84
C PHE B 252 -4.00 -0.62 -27.82
N THR B 253 -5.14 -1.12 -27.38
CA THR B 253 -6.39 -0.98 -28.12
C THR B 253 -7.36 -0.18 -27.27
N GLY B 254 -7.89 0.90 -27.84
CA GLY B 254 -8.75 1.80 -27.10
C GLY B 254 -10.11 1.22 -26.75
N SER B 255 -10.80 1.90 -25.82
CA SER B 255 -12.16 1.58 -25.46
C SER B 255 -12.84 2.82 -24.92
N CYS B 256 -14.08 3.06 -25.37
CA CYS B 256 -14.89 4.16 -24.88
C CYS B 256 -15.54 3.81 -23.54
N THR B 257 -15.61 2.51 -23.23
CA THR B 257 -16.44 2.05 -22.13
C THR B 257 -15.70 1.31 -21.02
N ASN B 258 -14.59 0.68 -21.36
CA ASN B 258 -13.89 -0.21 -20.42
C ASN B 258 -12.50 0.26 -20.05
N ALA B 259 -12.13 0.03 -18.80
CA ALA B 259 -10.75 0.23 -18.39
C ALA B 259 -9.86 -0.77 -19.11
N VAL B 260 -8.81 -0.28 -19.74
CA VAL B 260 -7.83 -1.13 -20.40
C VAL B 260 -6.53 -1.06 -19.62
N GLY B 261 -6.07 -2.20 -19.13
CA GLY B 261 -4.94 -2.23 -18.22
C GLY B 261 -4.07 -3.46 -18.39
N GLY B 262 -3.58 -3.98 -17.27
CA GLY B 262 -2.68 -5.11 -17.28
C GLY B 262 -1.26 -4.75 -17.67
N SER B 263 -0.47 -5.75 -18.03
CA SER B 263 0.91 -5.56 -18.46
C SER B 263 1.73 -4.70 -17.49
N GLY B 264 1.46 -4.84 -16.20
CA GLY B 264 2.23 -4.16 -15.18
C GLY B 264 1.84 -2.71 -14.91
N THR B 265 0.72 -2.28 -15.51
CA THR B 265 0.28 -0.89 -15.40
C THR B 265 -0.79 -0.65 -14.33
N ASN B 266 -1.31 -1.72 -13.74
CA ASN B 266 -2.38 -1.60 -12.76
C ASN B 266 -1.95 -0.94 -11.46
N ASN B 267 -2.92 -0.42 -10.72
CA ASN B 267 -2.70 0.09 -9.38
C ASN B 267 -1.87 1.36 -9.27
N TYR B 268 -1.73 2.09 -10.36
CA TYR B 268 -1.09 3.39 -10.29
C TYR B 268 -1.61 4.28 -11.40
N GLY B 269 -1.07 5.49 -11.50
CA GLY B 269 -1.55 6.45 -12.46
C GLY B 269 -0.92 7.79 -12.14
N VAL B 270 -1.31 8.81 -12.89
CA VAL B 270 -0.88 10.16 -12.61
C VAL B 270 -2.01 11.09 -13.02
N LYS B 271 -2.20 12.17 -12.30
CA LYS B 271 -3.20 13.15 -12.71
C LYS B 271 -2.82 13.72 -14.06
N GLY B 272 -3.80 13.81 -14.96
CA GLY B 272 -3.59 14.35 -16.28
C GLY B 272 -4.83 15.07 -16.80
N PHE B 273 -4.83 15.43 -18.08
CA PHE B 273 -5.93 16.20 -18.64
C PHE B 273 -6.14 15.93 -20.12
N GLY B 274 -7.28 16.42 -20.62
CA GLY B 274 -7.58 16.42 -22.04
C GLY B 274 -8.60 17.49 -22.32
N PHE B 275 -8.65 17.97 -23.55
CA PHE B 275 -9.66 18.94 -23.96
C PHE B 275 -10.37 18.44 -25.20
N ARG B 276 -11.70 18.31 -25.12
CA ARG B 276 -12.48 17.99 -26.31
C ARG B 276 -12.35 19.11 -27.33
N GLN B 277 -12.24 18.74 -28.59
CA GLN B 277 -12.18 19.69 -29.71
C GLN B 277 -13.13 19.17 -30.78
N GLY B 278 -14.42 19.45 -30.62
CA GLY B 278 -15.42 18.83 -31.46
C GLY B 278 -15.45 17.33 -31.19
N ASN B 279 -15.06 16.53 -32.19
CA ASN B 279 -14.96 15.09 -32.00
C ASN B 279 -13.54 14.65 -31.66
N SER B 280 -12.59 15.56 -31.78
CA SER B 280 -11.19 15.27 -31.50
C SER B 280 -10.84 15.63 -30.06
N VAL B 281 -9.57 15.44 -29.69
CA VAL B 281 -9.13 15.70 -28.32
C VAL B 281 -7.65 16.07 -28.27
N TRP B 282 -7.33 17.09 -27.49
CA TRP B 282 -5.95 17.36 -27.09
C TRP B 282 -5.74 16.63 -25.78
N ALA B 283 -4.74 15.75 -25.72
CA ALA B 283 -4.51 15.00 -24.49
C ALA B 283 -3.03 15.06 -24.11
N GLY B 284 -2.76 15.33 -22.84
CA GLY B 284 -1.38 15.39 -22.37
C GLY B 284 -0.92 14.03 -21.90
N ARG B 285 0.39 13.81 -21.91
CA ARG B 285 0.95 12.63 -21.27
C ARG B 285 2.44 12.77 -21.04
N THR B 286 2.96 12.04 -20.06
CA THR B 286 4.40 11.95 -19.87
C THR B 286 4.98 11.32 -21.12
N VAL B 287 6.25 11.61 -21.42
CA VAL B 287 6.90 10.96 -22.55
C VAL B 287 7.21 9.50 -22.22
N SER B 288 7.76 9.27 -21.03
CA SER B 288 8.01 7.92 -20.57
C SER B 288 6.70 7.18 -20.36
N ILE B 289 6.69 5.88 -20.67
CA ILE B 289 5.50 5.06 -20.42
C ILE B 289 5.46 4.53 -19.00
N SER B 290 6.57 4.66 -18.26
CA SER B 290 6.68 4.02 -16.95
C SER B 290 6.90 4.99 -15.80
N SER B 291 7.59 6.08 -16.06
CA SER B 291 7.91 7.04 -15.02
C SER B 291 7.36 8.42 -15.36
N ARG B 292 7.36 9.29 -14.35
CA ARG B 292 6.86 10.64 -14.53
C ARG B 292 7.98 11.50 -15.10
N SER B 293 8.27 11.28 -16.37
N SER B 293 8.30 11.28 -16.37
CA SER B 293 9.35 11.98 -17.07
CA SER B 293 9.34 12.05 -17.02
C SER B 293 8.88 12.50 -18.41
C SER B 293 8.90 12.50 -18.41
N GLY B 294 9.28 13.72 -18.75
CA GLY B 294 8.89 14.32 -20.01
C GLY B 294 7.43 14.72 -20.03
N PHE B 295 7.07 15.56 -21.00
CA PHE B 295 5.66 15.88 -21.20
C PHE B 295 5.37 16.34 -22.62
N GLU B 296 4.31 15.77 -23.21
CA GLU B 296 3.90 16.10 -24.56
C GLU B 296 2.39 16.23 -24.59
N ILE B 297 1.86 16.96 -25.57
CA ILE B 297 0.42 17.04 -25.76
C ILE B 297 0.11 16.64 -27.20
N LEU B 298 -0.90 15.80 -27.37
CA LEU B 298 -1.24 15.23 -28.66
C LEU B 298 -2.64 15.64 -29.07
N LEU B 299 -2.80 16.01 -30.34
CA LEU B 299 -4.14 16.22 -30.90
C LEU B 299 -4.51 14.95 -31.65
N ILE B 300 -5.49 14.23 -31.12
CA ILE B 300 -5.88 12.93 -31.69
C ILE B 300 -7.18 13.09 -32.44
N GLU B 301 -7.12 12.84 -33.75
CA GLU B 301 -8.27 13.02 -34.62
C GLU B 301 -9.41 12.08 -34.24
N ASP B 302 -10.56 12.66 -33.95
CA ASP B 302 -11.75 11.90 -33.55
C ASP B 302 -11.55 11.11 -32.26
N GLY B 303 -10.56 11.50 -31.47
CA GLY B 303 -10.18 10.76 -30.28
C GLY B 303 -11.17 10.83 -29.14
N TRP B 304 -12.13 11.74 -29.21
CA TRP B 304 -13.16 11.83 -28.17
C TRP B 304 -14.28 10.83 -28.42
N ILE B 305 -14.45 10.40 -29.67
CA ILE B 305 -15.63 9.61 -30.04
C ILE B 305 -15.33 8.21 -30.58
N ARG B 306 -14.07 7.95 -30.90
CA ARG B 306 -13.70 6.62 -31.38
C ARG B 306 -12.25 6.26 -31.08
N THR B 307 -11.92 4.98 -31.25
CA THR B 307 -10.63 4.44 -30.83
C THR B 307 -9.51 4.78 -31.80
N SER B 308 -9.47 6.05 -32.20
CA SER B 308 -8.52 6.55 -33.17
C SER B 308 -7.08 6.50 -32.66
N LYS B 309 -6.16 6.22 -33.59
CA LYS B 309 -4.73 6.26 -33.29
C LYS B 309 -4.07 7.35 -34.13
N THR B 310 -4.89 8.18 -34.75
CA THR B 310 -4.40 9.23 -35.65
C THR B 310 -3.99 10.48 -34.90
N ILE B 311 -2.69 10.70 -34.82
CA ILE B 311 -2.15 11.87 -34.14
C ILE B 311 -1.88 12.98 -35.15
N VAL B 312 -2.66 14.04 -35.05
CA VAL B 312 -2.66 15.13 -36.02
C VAL B 312 -1.55 16.15 -35.70
N LYS B 313 -1.42 16.45 -34.42
CA LYS B 313 -0.36 17.34 -33.93
C LYS B 313 0.25 16.76 -32.68
N LYS B 314 1.53 17.06 -32.47
CA LYS B 314 2.19 16.74 -31.21
C LYS B 314 3.14 17.86 -30.82
N VAL B 315 3.11 18.24 -29.55
CA VAL B 315 4.03 19.24 -29.05
C VAL B 315 4.64 18.75 -27.75
N GLU B 316 5.97 18.79 -27.68
CA GLU B 316 6.67 18.44 -26.46
C GLU B 316 7.09 19.71 -25.73
N VAL B 317 6.76 19.78 -24.44
CA VAL B 317 7.12 20.96 -23.63
C VAL B 317 8.14 20.61 -22.53
N LEU B 318 8.50 19.33 -22.44
CA LEU B 318 9.51 18.87 -21.50
C LEU B 318 10.09 17.57 -22.03
N ASN B 319 11.40 17.50 -22.21
CA ASN B 319 11.97 16.29 -22.79
C ASN B 319 12.08 15.17 -21.77
N ASN B 320 12.36 13.96 -22.24
CA ASN B 320 12.32 12.77 -21.40
C ASN B 320 13.55 12.63 -20.49
N LYS B 321 14.43 13.62 -20.52
CA LYS B 321 15.57 13.63 -19.62
C LYS B 321 15.25 14.41 -18.35
N ASN B 322 14.00 14.85 -18.24
CA ASN B 322 13.60 15.70 -17.11
C ASN B 322 12.31 15.24 -16.44
N TRP B 323 12.21 15.46 -15.13
CA TRP B 323 11.08 14.99 -14.35
C TRP B 323 9.84 15.83 -14.54
N SER B 324 8.71 15.15 -14.73
CA SER B 324 7.41 15.81 -14.78
C SER B 324 6.58 15.41 -13.56
N GLY B 325 5.31 15.13 -13.75
CA GLY B 325 4.40 14.90 -12.64
C GLY B 325 2.97 15.15 -13.08
N TYR B 326 2.16 15.71 -12.18
CA TYR B 326 0.77 16.02 -12.46
C TYR B 326 0.62 17.05 -13.58
N SER B 327 -0.53 17.04 -14.24
CA SER B 327 -0.89 18.11 -15.17
C SER B 327 -2.40 18.29 -15.05
N GLY B 328 -2.89 19.49 -15.37
CA GLY B 328 -4.29 19.77 -15.19
C GLY B 328 -4.84 20.85 -16.10
N ALA B 329 -6.16 20.86 -16.25
CA ALA B 329 -6.85 21.77 -17.14
C ALA B 329 -7.48 22.96 -16.41
N PHE B 330 -7.48 24.11 -17.07
CA PHE B 330 -8.29 25.25 -16.65
C PHE B 330 -8.65 26.08 -17.86
N THR B 331 -9.53 27.05 -17.68
CA THR B 331 -9.93 27.93 -18.78
C THR B 331 -9.81 29.40 -18.39
N ILE B 332 -9.65 30.25 -19.40
CA ILE B 332 -9.67 31.69 -19.19
C ILE B 332 -11.03 32.23 -19.60
N PRO B 333 -11.70 32.94 -18.69
CA PRO B 333 -13.06 33.44 -18.96
C PRO B 333 -13.09 34.59 -19.97
N ILE B 334 -14.26 34.84 -20.55
CA ILE B 334 -14.45 35.87 -21.56
C ILE B 334 -14.08 37.27 -21.09
N THR B 335 -14.14 37.50 -19.79
CA THR B 335 -13.85 38.81 -19.24
C THR B 335 -12.39 39.22 -19.41
N MET B 336 -11.51 38.23 -19.57
CA MET B 336 -10.10 38.51 -19.74
C MET B 336 -9.67 38.51 -21.20
N THR B 337 -10.45 37.86 -22.06
CA THR B 337 -10.04 37.64 -23.44
C THR B 337 -10.86 38.42 -24.46
N SER B 338 -12.09 38.79 -24.08
CA SER B 338 -13.05 39.39 -25.01
C SER B 338 -13.39 38.47 -26.16
N LYS B 339 -13.18 37.16 -26.00
CA LYS B 339 -13.54 36.20 -27.03
C LYS B 339 -14.97 35.73 -26.81
N GLN B 340 -15.46 34.89 -27.73
CA GLN B 340 -16.79 34.31 -27.61
C GLN B 340 -16.69 32.85 -27.16
N CYS B 341 -15.47 32.43 -26.85
CA CYS B 341 -15.23 31.05 -26.42
C CYS B 341 -14.23 31.03 -25.28
N LEU B 342 -14.21 29.93 -24.54
CA LEU B 342 -13.34 29.78 -23.38
C LEU B 342 -12.00 29.20 -23.80
N VAL B 343 -10.92 29.89 -23.44
CA VAL B 343 -9.58 29.44 -23.82
C VAL B 343 -9.09 28.31 -22.93
N PRO B 344 -8.74 27.17 -23.54
CA PRO B 344 -8.20 26.03 -22.78
C PRO B 344 -6.73 26.23 -22.45
N CYS B 345 -6.37 26.03 -21.18
CA CYS B 345 -4.98 26.09 -20.75
C CYS B 345 -4.66 24.87 -19.90
N PHE B 346 -3.37 24.55 -19.78
CA PHE B 346 -2.98 23.49 -18.85
C PHE B 346 -1.73 23.91 -18.09
N TRP B 347 -1.53 23.28 -16.93
CA TRP B 347 -0.29 23.45 -16.19
C TRP B 347 0.39 22.09 -16.08
N LEU B 348 1.69 22.13 -15.84
CA LEU B 348 2.49 20.93 -15.70
C LEU B 348 3.27 21.03 -14.41
N GLU B 349 3.20 19.99 -13.59
CA GLU B 349 3.98 19.88 -12.36
C GLU B 349 5.27 19.11 -12.64
N MET B 350 6.39 19.65 -12.15
CA MET B 350 7.68 19.00 -12.34
C MET B 350 8.25 18.65 -10.96
N ILE B 351 8.21 17.37 -10.64
CA ILE B 351 8.55 16.88 -9.31
C ILE B 351 10.05 16.65 -9.16
N ARG B 352 10.62 17.16 -8.08
CA ARG B 352 12.03 16.92 -7.76
C ARG B 352 12.14 16.25 -6.40
N GLY B 353 13.19 15.46 -6.20
CA GLY B 353 13.39 14.76 -4.95
C GLY B 353 12.86 13.34 -5.00
N LYS B 354 12.37 12.84 -3.86
CA LYS B 354 11.89 11.46 -3.81
C LYS B 354 10.60 11.30 -4.62
N PRO B 355 10.37 10.09 -5.17
CA PRO B 355 11.21 8.89 -5.01
C PRO B 355 12.30 8.72 -6.06
N GLU B 356 12.25 9.47 -7.15
CA GLU B 356 13.20 9.27 -8.26
C GLU B 356 14.63 9.69 -7.91
N GLU B 357 14.76 10.73 -7.09
CA GLU B 357 16.06 11.25 -6.72
C GLU B 357 16.32 10.96 -5.25
N ARG B 358 16.83 9.76 -5.00
CA ARG B 358 16.88 9.21 -3.65
C ARG B 358 17.91 9.87 -2.73
N THR B 359 18.85 10.62 -3.30
CA THR B 359 19.85 11.29 -2.49
C THR B 359 19.33 12.59 -1.88
N SER B 360 18.07 12.92 -2.16
CA SER B 360 17.42 14.04 -1.49
C SER B 360 16.44 13.53 -0.43
N ILE B 361 16.32 14.28 0.66
CA ILE B 361 15.47 13.87 1.77
C ILE B 361 14.03 14.37 1.61
N TRP B 362 13.82 15.20 0.60
CA TRP B 362 12.56 15.91 0.41
C TRP B 362 11.93 15.64 -0.95
N THR B 363 10.70 16.11 -1.12
CA THR B 363 10.03 16.10 -2.41
C THR B 363 9.33 17.44 -2.58
N SER B 364 9.53 18.08 -3.72
CA SER B 364 8.74 19.27 -4.04
C SER B 364 8.49 19.31 -5.53
N SER B 365 7.88 20.38 -6.01
CA SER B 365 7.67 20.53 -7.44
C SER B 365 7.62 22.00 -7.83
N SER B 366 7.86 22.26 -9.12
CA SER B 366 7.62 23.59 -9.69
C SER B 366 6.71 23.41 -10.90
N SER B 367 6.38 24.49 -11.58
CA SER B 367 5.39 24.40 -12.64
C SER B 367 5.71 25.22 -13.88
N THR B 368 5.12 24.78 -14.98
CA THR B 368 4.99 25.59 -16.18
C THR B 368 3.52 25.61 -16.57
N VAL B 369 3.11 26.65 -17.29
CA VAL B 369 1.71 26.84 -17.63
C VAL B 369 1.64 27.25 -19.09
N PHE B 370 0.66 26.70 -19.81
CA PHE B 370 0.52 26.91 -21.25
C PHE B 370 -0.93 27.18 -21.60
N CYS B 371 -1.15 28.07 -22.57
CA CYS B 371 -2.51 28.33 -23.04
C CYS B 371 -2.66 28.10 -24.54
N GLY B 372 -3.83 27.62 -24.93
CA GLY B 372 -4.12 27.37 -26.32
C GLY B 372 -4.22 28.61 -27.17
N VAL B 373 -3.68 28.53 -28.38
CA VAL B 373 -3.76 29.64 -29.33
C VAL B 373 -4.20 29.12 -30.69
N SER B 374 -4.55 30.03 -31.59
N SER B 374 -4.53 30.04 -31.59
CA SER B 374 -5.15 29.65 -32.86
CA SER B 374 -5.14 29.69 -32.86
C SER B 374 -4.15 29.09 -33.87
C SER B 374 -4.15 29.23 -33.92
N SER B 375 -2.86 29.24 -33.59
CA SER B 375 -1.83 28.82 -34.52
C SER B 375 -0.91 27.77 -33.89
N GLU B 376 -0.14 27.09 -34.72
CA GLU B 376 0.83 26.12 -34.21
C GLU B 376 1.97 26.87 -33.53
N VAL B 377 2.44 26.30 -32.43
CA VAL B 377 3.50 26.88 -31.63
C VAL B 377 4.57 25.81 -31.43
N PRO B 378 5.85 26.19 -31.59
CA PRO B 378 6.94 25.23 -31.36
C PRO B 378 6.99 24.79 -29.91
N GLY B 379 7.53 23.61 -29.67
CA GLY B 379 7.79 23.18 -28.31
C GLY B 379 9.21 23.52 -27.92
N TRP B 380 9.56 23.16 -26.70
CA TRP B 380 10.93 23.24 -26.20
C TRP B 380 10.94 22.34 -24.97
N SER B 381 11.93 22.54 -24.11
CA SER B 381 11.96 21.81 -22.84
C SER B 381 12.20 22.80 -21.71
N TRP B 382 11.13 23.19 -21.03
CA TRP B 382 11.23 24.10 -19.92
C TRP B 382 11.21 23.30 -18.62
N ASP B 383 12.39 22.77 -18.26
CA ASP B 383 12.50 21.89 -17.11
C ASP B 383 12.59 22.65 -15.79
N ASP B 384 12.40 21.94 -14.69
CA ASP B 384 12.44 22.55 -13.37
C ASP B 384 13.73 23.36 -13.21
N GLY B 385 14.85 22.71 -13.50
CA GLY B 385 16.14 23.40 -13.53
C GLY B 385 16.93 23.45 -12.24
N ALA B 386 16.39 22.92 -11.15
CA ALA B 386 17.13 22.92 -9.88
C ALA B 386 18.28 21.91 -9.94
N ILE B 387 19.37 22.25 -9.27
CA ILE B 387 20.53 21.38 -9.21
C ILE B 387 20.55 20.66 -7.87
N LEU B 388 20.27 19.35 -7.90
CA LEU B 388 20.24 18.54 -6.70
C LEU B 388 21.51 17.70 -6.61
N PRO B 389 21.87 17.27 -5.40
CA PRO B 389 21.17 17.51 -4.13
C PRO B 389 21.30 18.94 -3.63
N PHE B 390 20.48 19.29 -2.66
CA PHE B 390 20.51 20.62 -2.04
C PHE B 390 21.35 20.58 -0.76
N ASP B 391 21.61 21.75 -0.18
CA ASP B 391 22.42 21.85 1.03
C ASP B 391 21.90 20.93 2.14
N ILE B 392 20.59 20.92 2.35
CA ILE B 392 19.98 20.16 3.44
C ILE B 392 20.18 18.65 3.28
N ASP B 393 20.49 18.22 2.06
CA ASP B 393 20.63 16.81 1.75
C ASP B 393 21.99 16.28 2.15
N LYS B 394 22.89 17.20 2.49
CA LYS B 394 24.26 16.84 2.84
C LYS B 394 24.55 17.11 4.31
#